data_2RMQ
# 
_entry.id   2RMQ 
# 
_audit_conform.dict_name       mmcif_pdbx.dic 
_audit_conform.dict_version    5.392 
_audit_conform.dict_location   http://mmcif.pdb.org/dictionaries/ascii/mmcif_pdbx.dic 
# 
loop_
_database_2.database_id 
_database_2.database_code 
_database_2.pdbx_database_accession 
_database_2.pdbx_DOI 
PDB   2RMQ         pdb_00002rmq 10.2210/pdb2rmq/pdb 
RCSB  RCSB150041   ?            ?                   
WWPDB D_1000150041 ?            ?                   
# 
loop_
_pdbx_audit_revision_history.ordinal 
_pdbx_audit_revision_history.data_content_type 
_pdbx_audit_revision_history.major_revision 
_pdbx_audit_revision_history.minor_revision 
_pdbx_audit_revision_history.revision_date 
1 'Structure model' 1 0 2008-04-15 
2 'Structure model' 1 1 2011-07-13 
3 'Structure model' 1 2 2022-03-16 
4 'Structure model' 1 3 2024-05-29 
# 
_pdbx_audit_revision_details.ordinal             1 
_pdbx_audit_revision_details.revision_ordinal    1 
_pdbx_audit_revision_details.data_content_type   'Structure model' 
_pdbx_audit_revision_details.provider            repository 
_pdbx_audit_revision_details.type                'Initial release' 
_pdbx_audit_revision_details.description         ? 
_pdbx_audit_revision_details.details             ? 
# 
loop_
_pdbx_audit_revision_group.ordinal 
_pdbx_audit_revision_group.revision_ordinal 
_pdbx_audit_revision_group.data_content_type 
_pdbx_audit_revision_group.group 
1 2 'Structure model' 'Version format compliance' 
2 3 'Structure model' 'Data collection'           
3 3 'Structure model' 'Database references'       
4 3 'Structure model' 'Derived calculations'      
5 4 'Structure model' 'Data collection'           
# 
loop_
_pdbx_audit_revision_category.ordinal 
_pdbx_audit_revision_category.revision_ordinal 
_pdbx_audit_revision_category.data_content_type 
_pdbx_audit_revision_category.category 
1 3 'Structure model' database_2            
2 3 'Structure model' pdbx_nmr_software     
3 3 'Structure model' pdbx_struct_assembly  
4 3 'Structure model' pdbx_struct_oper_list 
5 3 'Structure model' struct_conn           
6 4 'Structure model' chem_comp_atom        
7 4 'Structure model' chem_comp_bond        
# 
loop_
_pdbx_audit_revision_item.ordinal 
_pdbx_audit_revision_item.revision_ordinal 
_pdbx_audit_revision_item.data_content_type 
_pdbx_audit_revision_item.item 
1 3 'Structure model' '_database_2.pdbx_DOI'                
2 3 'Structure model' '_database_2.pdbx_database_accession' 
3 3 'Structure model' '_pdbx_nmr_software.name'             
4 3 'Structure model' '_struct_conn.pdbx_leaving_atom_flag' 
# 
_pdbx_database_status.deposit_site                    BMRB 
_pdbx_database_status.entry_id                        2RMQ 
_pdbx_database_status.process_site                    PDBJ 
_pdbx_database_status.recvd_initial_deposition_date   2007-11-12 
_pdbx_database_status.SG_entry                        ? 
_pdbx_database_status.status_code                     REL 
_pdbx_database_status.status_code_mr                  ? 
_pdbx_database_status.status_code_sf                  ? 
_pdbx_database_status.pdb_format_compatible           Y 
_pdbx_database_status.status_code_cs                  ? 
_pdbx_database_status.status_code_nmr_data            ? 
_pdbx_database_status.methods_development_category    ? 
# 
loop_
_audit_author.name 
_audit_author.pdbx_ordinal 
'Matsugami, A.' 1 
'Ohyama, T.'    2 
'Inada, M.'     3 
'Katahira, M.'  4 
# 
_citation.id                        primary 
_citation.title                     
;Unexpected A-form formation of 4'-thioDNA in solution, revealed by NMR, and the implications as to the mechanism of nuclease resistance
;
_citation.journal_abbrev            'Nucleic Acids Res.' 
_citation.journal_volume            36 
_citation.page_first                1805 
_citation.page_last                 1812 
_citation.year                      2008 
_citation.journal_id_ASTM           NARHAD 
_citation.country                   UK 
_citation.journal_id_ISSN           0305-1048 
_citation.journal_id_CSD            0389 
_citation.book_publisher            ? 
_citation.pdbx_database_id_PubMed   18252770 
_citation.pdbx_database_id_DOI      10.1093/nar/gkn011 
# 
loop_
_citation_author.citation_id 
_citation_author.name 
_citation_author.ordinal 
_citation_author.identifier_ORCID 
primary 'Matsugami, A.' 1 ? 
primary 'Ohyama, T.'    2 ? 
primary 'Inada, M.'     3 ? 
primary 'Inoue, N.'     4 ? 
primary 'Minakawa, N.'  5 ? 
primary 'Matsuda, A.'   6 ? 
primary 'Katahira, M.'  7 ? 
# 
_entity.id                         1 
_entity.type                       polymer 
_entity.src_method                 syn 
_entity.pdbx_description           
;DNA (5'-D(*(C4S)P*(S4G)P*(C4S)P*(S4G)P*(S4A)P*(S4A)P*(T49)P*(T49)P*(C4S)P*(S4G)P*(C4S)P*(S4G))-3')
;
_entity.formula_weight             3856.182 
_entity.pdbx_number_of_molecules   2 
_entity.pdbx_ec                    ? 
_entity.pdbx_mutation              ? 
_entity.pdbx_fragment              ? 
_entity.details                    "4'-thio-DNA" 
# 
_entity_poly.entity_id                      1 
_entity_poly.type                           polydeoxyribonucleotide 
_entity_poly.nstd_linkage                   no 
_entity_poly.nstd_monomer                   yes 
_entity_poly.pdbx_seq_one_letter_code       '(C4S)(S4G)(C4S)(S4G)(S4A)(S4A)(T49)(T49)(C4S)(S4G)(C4S)(S4G)' 
_entity_poly.pdbx_seq_one_letter_code_can   CGCGAATTCGCG 
_entity_poly.pdbx_strand_id                 A,B 
_entity_poly.pdbx_target_identifier         ? 
# 
loop_
_entity_poly_seq.entity_id 
_entity_poly_seq.num 
_entity_poly_seq.mon_id 
_entity_poly_seq.hetero 
1 1  C4S n 
1 2  S4G n 
1 3  C4S n 
1 4  S4G n 
1 5  S4A n 
1 6  S4A n 
1 7  T49 n 
1 8  T49 n 
1 9  C4S n 
1 10 S4G n 
1 11 C4S n 
1 12 S4G n 
# 
_pdbx_entity_src_syn.entity_id              1 
_pdbx_entity_src_syn.pdbx_src_id            1 
_pdbx_entity_src_syn.pdbx_alt_source_flag   sample 
_pdbx_entity_src_syn.pdbx_beg_seq_num       ? 
_pdbx_entity_src_syn.pdbx_end_seq_num       ? 
_pdbx_entity_src_syn.organism_scientific    ? 
_pdbx_entity_src_syn.organism_common_name   ? 
_pdbx_entity_src_syn.ncbi_taxonomy_id       ? 
_pdbx_entity_src_syn.details                'chemically synthesized' 
# 
loop_
_chem_comp.id 
_chem_comp.type 
_chem_comp.mon_nstd_flag 
_chem_comp.name 
_chem_comp.pdbx_synonyms 
_chem_comp.formula 
_chem_comp.formula_weight 
C4S 'DNA linking' n 
;2'-deoxy-4'-thiocytidine 5'-(dihydrogen phosphate)
;
? 'C9 H14 N3 O6 P S'  323.263 
S4A 'DNA linking' n 
;2'-deoxy-4'-thioadenosine 5'-(dihydrogen phosphate)
;
? 'C10 H14 N5 O5 P S' 347.287 
S4G 'DNA linking' n 
;2'-deoxy-4'-thioguanosine 5'-(dihydrogen phosphate)
;
? 'C10 H14 N5 O6 P S' 363.287 
T49 'DNA linking' n 
;S4'-2'DEOXYTHYMIDINE 5'-MONOPHOSPHATE
;
? 'C10 H15 N2 O7 P S' 338.274 
# 
loop_
_pdbx_poly_seq_scheme.asym_id 
_pdbx_poly_seq_scheme.entity_id 
_pdbx_poly_seq_scheme.seq_id 
_pdbx_poly_seq_scheme.mon_id 
_pdbx_poly_seq_scheme.ndb_seq_num 
_pdbx_poly_seq_scheme.pdb_seq_num 
_pdbx_poly_seq_scheme.auth_seq_num 
_pdbx_poly_seq_scheme.pdb_mon_id 
_pdbx_poly_seq_scheme.auth_mon_id 
_pdbx_poly_seq_scheme.pdb_strand_id 
_pdbx_poly_seq_scheme.pdb_ins_code 
_pdbx_poly_seq_scheme.hetero 
A 1 1  C4S 1  1  1  C4S C4S A . n 
A 1 2  S4G 2  2  2  S4G S4G A . n 
A 1 3  C4S 3  3  3  C4S C4S A . n 
A 1 4  S4G 4  4  4  S4G S4G A . n 
A 1 5  S4A 5  5  5  S4A S4A A . n 
A 1 6  S4A 6  6  6  S4A S4A A . n 
A 1 7  T49 7  7  7  T49 T49 A . n 
A 1 8  T49 8  8  8  T49 T49 A . n 
A 1 9  C4S 9  9  9  C4S C4S A . n 
A 1 10 S4G 10 10 10 S4G S4G A . n 
A 1 11 C4S 11 11 11 C4S C4S A . n 
A 1 12 S4G 12 12 12 S4G S4G A . n 
B 1 1  C4S 1  13 13 C4S C4S B . n 
B 1 2  S4G 2  14 14 S4G S4G B . n 
B 1 3  C4S 3  15 15 C4S C4S B . n 
B 1 4  S4G 4  16 16 S4G S4G B . n 
B 1 5  S4A 5  17 17 S4A S4A B . n 
B 1 6  S4A 6  18 18 S4A S4A B . n 
B 1 7  T49 7  19 19 T49 T49 B . n 
B 1 8  T49 8  20 20 T49 T49 B . n 
B 1 9  C4S 9  21 21 C4S C4S B . n 
B 1 10 S4G 10 22 22 S4G S4G B . n 
B 1 11 C4S 11 23 23 C4S C4S B . n 
B 1 12 S4G 12 24 24 S4G S4G B . n 
# 
_exptl.absorpt_coefficient_mu     ? 
_exptl.absorpt_correction_T_max   ? 
_exptl.absorpt_correction_T_min   ? 
_exptl.absorpt_correction_type    ? 
_exptl.absorpt_process_details    ? 
_exptl.crystals_number            ? 
_exptl.details                    ? 
_exptl.entry_id                   2RMQ 
_exptl.method                     'SOLUTION NMR' 
_exptl.method_details             ? 
# 
_struct.entry_id                  2RMQ 
_struct.title                     
;Solution structure of fully modified 4'-thioDNA with the sequence of d(CGCGAATTCGCG)
;
_struct.pdbx_model_details        ? 
_struct.pdbx_CASP_flag            ? 
_struct.pdbx_model_type_details   ? 
# 
_struct_keywords.entry_id        2RMQ 
_struct_keywords.pdbx_keywords   DNA 
_struct_keywords.text            
;4'-thioDNA, A-form, DNA
;
# 
loop_
_struct_asym.id 
_struct_asym.pdbx_blank_PDB_chainid_flag 
_struct_asym.pdbx_modified 
_struct_asym.entity_id 
_struct_asym.details 
A N N 1 ? 
B N N 1 ? 
# 
loop_
_struct_ref.id 
_struct_ref.db_code 
_struct_ref.db_name 
_struct_ref.entity_id 
_struct_ref.pdbx_db_accession 
_struct_ref.pdbx_align_begin 
_struct_ref.pdbx_seq_one_letter_code 
_struct_ref.pdbx_db_isoform 
1 2RMQ PDB 1 2RMQ 1  CGCGAATTCGCG ? 
2 2RMQ PDB 1 2RMQ 13 CGCGAATTCGCG ? 
# 
loop_
_struct_ref_seq.align_id 
_struct_ref_seq.ref_id 
_struct_ref_seq.pdbx_PDB_id_code 
_struct_ref_seq.pdbx_strand_id 
_struct_ref_seq.seq_align_beg 
_struct_ref_seq.pdbx_seq_align_beg_ins_code 
_struct_ref_seq.seq_align_end 
_struct_ref_seq.pdbx_seq_align_end_ins_code 
_struct_ref_seq.pdbx_db_accession 
_struct_ref_seq.db_align_beg 
_struct_ref_seq.pdbx_db_align_beg_ins_code 
_struct_ref_seq.db_align_end 
_struct_ref_seq.pdbx_db_align_end_ins_code 
_struct_ref_seq.pdbx_auth_seq_align_beg 
_struct_ref_seq.pdbx_auth_seq_align_end 
1 1 2RMQ A 1 ? 12 ? 2RMQ 1  ? 12 ? 1  12 
2 2 2RMQ B 1 ? 12 ? 2RMQ 13 ? 24 ? 13 24 
# 
_pdbx_struct_assembly.id                   1 
_pdbx_struct_assembly.details              author_defined_assembly 
_pdbx_struct_assembly.method_details       ? 
_pdbx_struct_assembly.oligomeric_details   dimeric 
_pdbx_struct_assembly.oligomeric_count     2 
# 
_pdbx_struct_assembly_gen.assembly_id       1 
_pdbx_struct_assembly_gen.oper_expression   1 
_pdbx_struct_assembly_gen.asym_id_list      A,B 
# 
_pdbx_struct_oper_list.id                   1 
_pdbx_struct_oper_list.type                 'identity operation' 
_pdbx_struct_oper_list.name                 1_555 
_pdbx_struct_oper_list.symmetry_operation   x,y,z 
_pdbx_struct_oper_list.matrix[1][1]         1.0000000000 
_pdbx_struct_oper_list.matrix[1][2]         0.0000000000 
_pdbx_struct_oper_list.matrix[1][3]         0.0000000000 
_pdbx_struct_oper_list.vector[1]            0.0000000000 
_pdbx_struct_oper_list.matrix[2][1]         0.0000000000 
_pdbx_struct_oper_list.matrix[2][2]         1.0000000000 
_pdbx_struct_oper_list.matrix[2][3]         0.0000000000 
_pdbx_struct_oper_list.vector[2]            0.0000000000 
_pdbx_struct_oper_list.matrix[3][1]         0.0000000000 
_pdbx_struct_oper_list.matrix[3][2]         0.0000000000 
_pdbx_struct_oper_list.matrix[3][3]         1.0000000000 
_pdbx_struct_oper_list.vector[3]            0.0000000000 
# 
_struct_biol.id        1 
_struct_biol.details   ? 
# 
loop_
_struct_conn.id 
_struct_conn.conn_type_id 
_struct_conn.pdbx_leaving_atom_flag 
_struct_conn.pdbx_PDB_id 
_struct_conn.ptnr1_label_asym_id 
_struct_conn.ptnr1_label_comp_id 
_struct_conn.ptnr1_label_seq_id 
_struct_conn.ptnr1_label_atom_id 
_struct_conn.pdbx_ptnr1_label_alt_id 
_struct_conn.pdbx_ptnr1_PDB_ins_code 
_struct_conn.pdbx_ptnr1_standard_comp_id 
_struct_conn.ptnr1_symmetry 
_struct_conn.ptnr2_label_asym_id 
_struct_conn.ptnr2_label_comp_id 
_struct_conn.ptnr2_label_seq_id 
_struct_conn.ptnr2_label_atom_id 
_struct_conn.pdbx_ptnr2_label_alt_id 
_struct_conn.pdbx_ptnr2_PDB_ins_code 
_struct_conn.ptnr1_auth_asym_id 
_struct_conn.ptnr1_auth_comp_id 
_struct_conn.ptnr1_auth_seq_id 
_struct_conn.ptnr2_auth_asym_id 
_struct_conn.ptnr2_auth_comp_id 
_struct_conn.ptnr2_auth_seq_id 
_struct_conn.ptnr2_symmetry 
_struct_conn.pdbx_ptnr3_label_atom_id 
_struct_conn.pdbx_ptnr3_label_seq_id 
_struct_conn.pdbx_ptnr3_label_comp_id 
_struct_conn.pdbx_ptnr3_label_asym_id 
_struct_conn.pdbx_ptnr3_label_alt_id 
_struct_conn.pdbx_ptnr3_PDB_ins_code 
_struct_conn.details 
_struct_conn.pdbx_dist_value 
_struct_conn.pdbx_value_order 
_struct_conn.pdbx_role 
covale1  covale both ? A C4S 1  "O3'" ? ? ? 1_555 A S4G 2  P  ? ? A C4S 1  A S4G 2  1_555 ? ? ? ? ? ? ?              1.608 ? ? 
covale2  covale both ? A S4G 2  "O3'" ? ? ? 1_555 A C4S 3  P  ? ? A S4G 2  A C4S 3  1_555 ? ? ? ? ? ? ?              1.610 ? ? 
covale3  covale both ? A C4S 3  "O3'" ? ? ? 1_555 A S4G 4  P  ? ? A C4S 3  A S4G 4  1_555 ? ? ? ? ? ? ?              1.609 ? ? 
covale4  covale both ? A S4G 4  "O3'" ? ? ? 1_555 A S4A 5  P  ? ? A S4G 4  A S4A 5  1_555 ? ? ? ? ? ? ?              1.608 ? ? 
covale5  covale both ? A S4A 5  "O3'" ? ? ? 1_555 A S4A 6  P  ? ? A S4A 5  A S4A 6  1_555 ? ? ? ? ? ? ?              1.609 ? ? 
covale6  covale both ? A S4A 6  "O3'" ? ? ? 1_555 A T49 7  P  ? ? A S4A 6  A T49 7  1_555 ? ? ? ? ? ? ?              1.610 ? ? 
covale7  covale both ? A T49 7  "O3'" ? ? ? 1_555 A T49 8  P  ? ? A T49 7  A T49 8  1_555 ? ? ? ? ? ? ?              1.609 ? ? 
covale8  covale both ? A T49 8  "O3'" ? ? ? 1_555 A C4S 9  P  ? ? A T49 8  A C4S 9  1_555 ? ? ? ? ? ? ?              1.608 ? ? 
covale9  covale both ? A C4S 9  "O3'" ? ? ? 1_555 A S4G 10 P  ? ? A C4S 9  A S4G 10 1_555 ? ? ? ? ? ? ?              1.611 ? ? 
covale10 covale both ? A S4G 10 "O3'" ? ? ? 1_555 A C4S 11 P  ? ? A S4G 10 A C4S 11 1_555 ? ? ? ? ? ? ?              1.610 ? ? 
covale11 covale both ? A C4S 11 "O3'" ? ? ? 1_555 A S4G 12 P  ? ? A C4S 11 A S4G 12 1_555 ? ? ? ? ? ? ?              1.611 ? ? 
covale12 covale both ? B C4S 1  "O3'" ? ? ? 1_555 B S4G 2  P  ? ? B C4S 13 B S4G 14 1_555 ? ? ? ? ? ? ?              1.608 ? ? 
covale13 covale both ? B S4G 2  "O3'" ? ? ? 1_555 B C4S 3  P  ? ? B S4G 14 B C4S 15 1_555 ? ? ? ? ? ? ?              1.609 ? ? 
covale14 covale both ? B C4S 3  "O3'" ? ? ? 1_555 B S4G 4  P  ? ? B C4S 15 B S4G 16 1_555 ? ? ? ? ? ? ?              1.608 ? ? 
covale15 covale both ? B S4G 4  "O3'" ? ? ? 1_555 B S4A 5  P  ? ? B S4G 16 B S4A 17 1_555 ? ? ? ? ? ? ?              1.608 ? ? 
covale16 covale both ? B S4A 5  "O3'" ? ? ? 1_555 B S4A 6  P  ? ? B S4A 17 B S4A 18 1_555 ? ? ? ? ? ? ?              1.609 ? ? 
covale17 covale both ? B S4A 6  "O3'" ? ? ? 1_555 B T49 7  P  ? ? B S4A 18 B T49 19 1_555 ? ? ? ? ? ? ?              1.608 ? ? 
covale18 covale both ? B T49 7  "O3'" ? ? ? 1_555 B T49 8  P  ? ? B T49 19 B T49 20 1_555 ? ? ? ? ? ? ?              1.608 ? ? 
covale19 covale both ? B T49 8  "O3'" ? ? ? 1_555 B C4S 9  P  ? ? B T49 20 B C4S 21 1_555 ? ? ? ? ? ? ?              1.609 ? ? 
covale20 covale both ? B C4S 9  "O3'" ? ? ? 1_555 B S4G 10 P  ? ? B C4S 21 B S4G 22 1_555 ? ? ? ? ? ? ?              1.608 ? ? 
covale21 covale both ? B S4G 10 "O3'" ? ? ? 1_555 B C4S 11 P  ? ? B S4G 22 B C4S 23 1_555 ? ? ? ? ? ? ?              1.607 ? ? 
covale22 covale both ? B C4S 11 "O3'" ? ? ? 1_555 B S4G 12 P  ? ? B C4S 23 B S4G 24 1_555 ? ? ? ? ? ? ?              1.609 ? ? 
hydrog1  hydrog ?    ? A C4S 1  N3    ? ? ? 1_555 B S4G 12 N1 ? ? A C4S 1  B S4G 24 1_555 ? ? ? ? ? ? WATSON-CRICK   ?     ? ? 
hydrog2  hydrog ?    ? A C4S 1  N4    ? ? ? 1_555 B S4G 12 O6 ? ? A C4S 1  B S4G 24 1_555 ? ? ? ? ? ? WATSON-CRICK   ?     ? ? 
hydrog3  hydrog ?    ? A C4S 1  O2    ? ? ? 1_555 B S4G 12 N2 ? ? A C4S 1  B S4G 24 1_555 ? ? ? ? ? ? WATSON-CRICK   ?     ? ? 
hydrog4  hydrog ?    ? A S4G 2  N1    ? ? ? 1_555 B C4S 11 N3 ? ? A S4G 2  B C4S 23 1_555 ? ? ? ? ? ? WATSON-CRICK   ?     ? ? 
hydrog5  hydrog ?    ? A S4G 2  N2    ? ? ? 1_555 B C4S 11 O2 ? ? A S4G 2  B C4S 23 1_555 ? ? ? ? ? ? WATSON-CRICK   ?     ? ? 
hydrog6  hydrog ?    ? A S4G 2  O6    ? ? ? 1_555 B C4S 11 N4 ? ? A S4G 2  B C4S 23 1_555 ? ? ? ? ? ? WATSON-CRICK   ?     ? ? 
hydrog7  hydrog ?    ? A C4S 3  N3    ? ? ? 1_555 B S4G 10 N1 ? ? A C4S 3  B S4G 22 1_555 ? ? ? ? ? ? WATSON-CRICK   ?     ? ? 
hydrog8  hydrog ?    ? A C4S 3  N4    ? ? ? 1_555 B S4G 10 O6 ? ? A C4S 3  B S4G 22 1_555 ? ? ? ? ? ? WATSON-CRICK   ?     ? ? 
hydrog9  hydrog ?    ? A C4S 3  O2    ? ? ? 1_555 B S4G 10 N2 ? ? A C4S 3  B S4G 22 1_555 ? ? ? ? ? ? WATSON-CRICK   ?     ? ? 
hydrog10 hydrog ?    ? A S4G 4  N1    ? ? ? 1_555 B C4S 9  N3 ? ? A S4G 4  B C4S 21 1_555 ? ? ? ? ? ? WATSON-CRICK   ?     ? ? 
hydrog11 hydrog ?    ? A S4G 4  N2    ? ? ? 1_555 B C4S 9  O2 ? ? A S4G 4  B C4S 21 1_555 ? ? ? ? ? ? WATSON-CRICK   ?     ? ? 
hydrog12 hydrog ?    ? A S4G 4  O6    ? ? ? 1_555 B C4S 9  N4 ? ? A S4G 4  B C4S 21 1_555 ? ? ? ? ? ? WATSON-CRICK   ?     ? ? 
hydrog13 hydrog ?    ? A S4A 5  N6    ? ? ? 1_555 B T49 7  O4 ? ? A S4A 5  B T49 19 1_555 ? ? ? ? ? ? 'S4A-T49 PAIR' ?     ? ? 
hydrog14 hydrog ?    ? A S4A 5  N1    ? ? ? 1_555 B T49 8  N3 ? ? A S4A 5  B T49 20 1_555 ? ? ? ? ? ? WATSON-CRICK   ?     ? ? 
hydrog15 hydrog ?    ? A S4A 5  N6    ? ? ? 1_555 B T49 8  O4 ? ? A S4A 5  B T49 20 1_555 ? ? ? ? ? ? WATSON-CRICK   ?     ? ? 
hydrog16 hydrog ?    ? A S4A 6  N1    ? ? ? 1_555 B T49 7  N3 ? ? A S4A 6  B T49 19 1_555 ? ? ? ? ? ? WATSON-CRICK   ?     ? ? 
hydrog17 hydrog ?    ? A S4A 6  N6    ? ? ? 1_555 B T49 7  O4 ? ? A S4A 6  B T49 19 1_555 ? ? ? ? ? ? WATSON-CRICK   ?     ? ? 
hydrog18 hydrog ?    ? A T49 7  O4    ? ? ? 1_555 B S4A 5  N6 ? ? A T49 7  B S4A 17 1_555 ? ? ? ? ? ? 'T49-S4A PAIR' ?     ? ? 
hydrog19 hydrog ?    ? A T49 7  N3    ? ? ? 1_555 B S4A 6  N1 ? ? A T49 7  B S4A 18 1_555 ? ? ? ? ? ? WATSON-CRICK   ?     ? ? 
hydrog20 hydrog ?    ? A T49 7  O4    ? ? ? 1_555 B S4A 6  N6 ? ? A T49 7  B S4A 18 1_555 ? ? ? ? ? ? WATSON-CRICK   ?     ? ? 
hydrog21 hydrog ?    ? A T49 8  N3    ? ? ? 1_555 B S4A 5  N1 ? ? A T49 8  B S4A 17 1_555 ? ? ? ? ? ? WATSON-CRICK   ?     ? ? 
hydrog22 hydrog ?    ? A T49 8  O4    ? ? ? 1_555 B S4A 5  N6 ? ? A T49 8  B S4A 17 1_555 ? ? ? ? ? ? WATSON-CRICK   ?     ? ? 
hydrog23 hydrog ?    ? A C4S 9  N3    ? ? ? 1_555 B S4G 4  N1 ? ? A C4S 9  B S4G 16 1_555 ? ? ? ? ? ? WATSON-CRICK   ?     ? ? 
hydrog24 hydrog ?    ? A C4S 9  N4    ? ? ? 1_555 B S4G 4  O6 ? ? A C4S 9  B S4G 16 1_555 ? ? ? ? ? ? WATSON-CRICK   ?     ? ? 
hydrog25 hydrog ?    ? A C4S 9  O2    ? ? ? 1_555 B S4G 4  N2 ? ? A C4S 9  B S4G 16 1_555 ? ? ? ? ? ? WATSON-CRICK   ?     ? ? 
hydrog26 hydrog ?    ? A S4G 10 N1    ? ? ? 1_555 B C4S 3  N3 ? ? A S4G 10 B C4S 15 1_555 ? ? ? ? ? ? WATSON-CRICK   ?     ? ? 
hydrog27 hydrog ?    ? A S4G 10 N2    ? ? ? 1_555 B C4S 3  O2 ? ? A S4G 10 B C4S 15 1_555 ? ? ? ? ? ? WATSON-CRICK   ?     ? ? 
hydrog28 hydrog ?    ? A S4G 10 O6    ? ? ? 1_555 B C4S 3  N4 ? ? A S4G 10 B C4S 15 1_555 ? ? ? ? ? ? WATSON-CRICK   ?     ? ? 
hydrog29 hydrog ?    ? A C4S 11 N3    ? ? ? 1_555 B S4G 2  N1 ? ? A C4S 11 B S4G 14 1_555 ? ? ? ? ? ? WATSON-CRICK   ?     ? ? 
hydrog30 hydrog ?    ? A C4S 11 N4    ? ? ? 1_555 B S4G 2  O6 ? ? A C4S 11 B S4G 14 1_555 ? ? ? ? ? ? WATSON-CRICK   ?     ? ? 
hydrog31 hydrog ?    ? A C4S 11 O2    ? ? ? 1_555 B S4G 2  N2 ? ? A C4S 11 B S4G 14 1_555 ? ? ? ? ? ? WATSON-CRICK   ?     ? ? 
hydrog32 hydrog ?    ? A S4G 12 N1    ? ? ? 1_555 B C4S 1  N3 ? ? A S4G 12 B C4S 13 1_555 ? ? ? ? ? ? WATSON-CRICK   ?     ? ? 
hydrog33 hydrog ?    ? A S4G 12 N2    ? ? ? 1_555 B C4S 1  O2 ? ? A S4G 12 B C4S 13 1_555 ? ? ? ? ? ? WATSON-CRICK   ?     ? ? 
hydrog34 hydrog ?    ? A S4G 12 O6    ? ? ? 1_555 B C4S 1  N4 ? ? A S4G 12 B C4S 13 1_555 ? ? ? ? ? ? WATSON-CRICK   ?     ? ? 
# 
loop_
_struct_conn_type.id 
_struct_conn_type.criteria 
_struct_conn_type.reference 
covale ? ? 
hydrog ? ? 
# 
loop_
_pdbx_validate_close_contact.id 
_pdbx_validate_close_contact.PDB_model_num 
_pdbx_validate_close_contact.auth_atom_id_1 
_pdbx_validate_close_contact.auth_asym_id_1 
_pdbx_validate_close_contact.auth_comp_id_1 
_pdbx_validate_close_contact.auth_seq_id_1 
_pdbx_validate_close_contact.PDB_ins_code_1 
_pdbx_validate_close_contact.label_alt_id_1 
_pdbx_validate_close_contact.auth_atom_id_2 
_pdbx_validate_close_contact.auth_asym_id_2 
_pdbx_validate_close_contact.auth_comp_id_2 
_pdbx_validate_close_contact.auth_seq_id_2 
_pdbx_validate_close_contact.PDB_ins_code_2 
_pdbx_validate_close_contact.label_alt_id_2 
_pdbx_validate_close_contact.dist 
1  1 O6   A S4G 10 ? ? H2N4 B C4S 15 ? ? 1.38 
2  1 H2N4 A C4S 9  ? ? O6   B S4G 16 ? ? 1.38 
3  1 O6   A S4G 4  ? ? H2N4 B C4S 21 ? ? 1.38 
4  1 H2N4 A C4S 3  ? ? O6   B S4G 22 ? ? 1.39 
5  1 H1N6 A S4A 6  ? ? O4   B T49 19 ? ? 1.40 
6  1 O4   A T49 7  ? ? H1N6 B S4A 18 ? ? 1.43 
7  1 H1N6 A S4A 5  ? ? O4   B T49 20 ? ? 1.46 
8  1 O4   A T49 8  ? ? H1N6 B S4A 17 ? ? 1.49 
9  1 N3   A C4S 3  ? ? HN1  B S4G 22 ? ? 1.51 
10 1 HN1  A S4G 10 ? ? N3   B C4S 15 ? ? 1.52 
11 1 N3   A C4S 9  ? ? HN1  B S4G 16 ? ? 1.57 
12 1 HN1  A S4G 4  ? ? N3   B C4S 21 ? ? 1.57 
# 
loop_
_pdbx_struct_mod_residue.id 
_pdbx_struct_mod_residue.label_asym_id 
_pdbx_struct_mod_residue.label_comp_id 
_pdbx_struct_mod_residue.label_seq_id 
_pdbx_struct_mod_residue.auth_asym_id 
_pdbx_struct_mod_residue.auth_comp_id 
_pdbx_struct_mod_residue.auth_seq_id 
_pdbx_struct_mod_residue.PDB_ins_code 
_pdbx_struct_mod_residue.parent_comp_id 
_pdbx_struct_mod_residue.details 
1  A C4S 1  A C4S 1  ? DC ?                                       
2  A S4G 2  A S4G 2  ? DG ?                                       
3  A C4S 3  A C4S 3  ? DC ?                                       
4  A S4G 4  A S4G 4  ? DG ?                                       
5  A S4A 5  A S4A 5  ? DA ?                                       
6  A S4A 6  A S4A 6  ? DA ?                                       
7  A T49 7  A T49 7  ? DT 
;S4'-2'DEOXYTHYMIDINE 5'-MONOPHOSPHATE
;
8  A T49 8  A T49 8  ? DT 
;S4'-2'DEOXYTHYMIDINE 5'-MONOPHOSPHATE
;
9  A C4S 9  A C4S 9  ? DC ?                                       
10 A S4G 10 A S4G 10 ? DG ?                                       
11 A C4S 11 A C4S 11 ? DC ?                                       
12 A S4G 12 A S4G 12 ? DG ?                                       
13 B C4S 1  B C4S 13 ? DC ?                                       
14 B S4G 2  B S4G 14 ? DG ?                                       
15 B C4S 3  B C4S 15 ? DC ?                                       
16 B S4G 4  B S4G 16 ? DG ?                                       
17 B S4A 5  B S4A 17 ? DA ?                                       
18 B S4A 6  B S4A 18 ? DA ?                                       
19 B T49 7  B T49 19 ? DT 
;S4'-2'DEOXYTHYMIDINE 5'-MONOPHOSPHATE
;
20 B T49 8  B T49 20 ? DT 
;S4'-2'DEOXYTHYMIDINE 5'-MONOPHOSPHATE
;
21 B C4S 9  B C4S 21 ? DC ?                                       
22 B S4G 10 B S4G 22 ? DG ?                                       
23 B C4S 11 B C4S 23 ? DC ?                                       
24 B S4G 12 B S4G 24 ? DG ?                                       
# 
_pdbx_nmr_ensemble.average_constraint_violations_per_residue     ? 
_pdbx_nmr_ensemble.average_constraints_per_residue               ? 
_pdbx_nmr_ensemble.average_distance_constraint_violation         ? 
_pdbx_nmr_ensemble.average_torsion_angle_constraint_violation    ? 
_pdbx_nmr_ensemble.conformer_selection_criteria                  'structures with the lowest energy' 
_pdbx_nmr_ensemble.conformers_calculated_total_number            100 
_pdbx_nmr_ensemble.conformers_submitted_total_number             1 
_pdbx_nmr_ensemble.distance_constraint_violation_method          ? 
_pdbx_nmr_ensemble.entry_id                                      2RMQ 
_pdbx_nmr_ensemble.maximum_distance_constraint_violation         ? 
_pdbx_nmr_ensemble.maximum_lower_distance_constraint_violation   ? 
_pdbx_nmr_ensemble.maximum_torsion_angle_constraint_violation    ? 
_pdbx_nmr_ensemble.maximum_upper_distance_constraint_violation   ? 
_pdbx_nmr_ensemble.torsion_angle_constraint_violation_method     ? 
# 
_pdbx_nmr_representative.conformer_id         1 
_pdbx_nmr_representative.entry_id             2RMQ 
_pdbx_nmr_representative.selection_criteria   'lowest energy' 
# 
loop_
_pdbx_nmr_sample_details.contents 
_pdbx_nmr_sample_details.solution_id 
_pdbx_nmr_sample_details.solvent_system 
;0.42mM 4'-thio DNA; 10mM sodium phosphate; 10mM sodium chloride; 0.01mM DSS; 95% H2O, 5% D2O
;
1 '95% H2O/5% D2O' 
;0.42mM 4'-thio DNA; 10mM sodium phosphate; 10mM sodium chloride; 0.01mM DSS; 100% D2O
;
2 '100% D2O'       
# 
loop_
_pdbx_nmr_exptl_sample.component 
_pdbx_nmr_exptl_sample.concentration 
_pdbx_nmr_exptl_sample.concentration_units 
_pdbx_nmr_exptl_sample.isotopic_labeling 
_pdbx_nmr_exptl_sample.solution_id 
;4'-thio DNA
;
0.42 mM ? 1 
'sodium phosphate' 10   mM ? 1 
'sodium chloride'  10   mM ? 1 
DSS                0.01 mM ? 1 
;4'-thio DNA
;
0.42 mM ? 2 
'sodium phosphate' 10   mM ? 2 
'sodium chloride'  10   mM ? 2 
DSS                0.01 mM ? 2 
# 
loop_
_pdbx_nmr_exptl_sample_conditions.conditions_id 
_pdbx_nmr_exptl_sample_conditions.ionic_strength 
_pdbx_nmr_exptl_sample_conditions.pH 
_pdbx_nmr_exptl_sample_conditions.pressure 
_pdbx_nmr_exptl_sample_conditions.pressure_units 
_pdbx_nmr_exptl_sample_conditions.temperature 
_pdbx_nmr_exptl_sample_conditions.temperature_units 
1 20 6.5 ambient ? 278 K 
2 20 6.5 ambient ? 298 K 
# 
loop_
_pdbx_nmr_exptl.conditions_id 
_pdbx_nmr_exptl.experiment_id 
_pdbx_nmr_exptl.solution_id 
_pdbx_nmr_exptl.type 
2 1 2 '2D DQF-COSY'       
2 2 2 '2D 1H-1H TOCSY'    
2 3 2 '2D 1H-1H NOESY'    
2 4 2 '2D 1H-1H NOESY'    
2 5 2 '2D 1H-13C HSQC'    
1 6 1 '2D 1H-1H NOESY'    
1 7 1 '2D 1H-1H NOESY'    
1 8 1 '2D 1H-13C JR-HMBC' 
# 
_pdbx_nmr_refine.entry_id           2RMQ 
_pdbx_nmr_refine.method             'simulated annealing' 
_pdbx_nmr_refine.details            ? 
_pdbx_nmr_refine.software_ordinal   1 
# 
loop_
_pdbx_nmr_software.authors 
_pdbx_nmr_software.classification 
_pdbx_nmr_software.name 
_pdbx_nmr_software.version 
_pdbx_nmr_software.ordinal 
'Bruker Biospin'                                    collection           XwinNMR  3.5   1 
'Bruker Biospin'                                    collection           TopSpin  1.0   2 
'Delaglio, Grzesiek, Vuister, Zhu, Pfeifer and Bax' processing           NMRPipe  2.4   3 
'Delaglio, Grzesiek, Vuister, Zhu, Pfeifer and Bax' processing           NMRDraw  2.4   4 
Goddard                                             'data analysis'      Sparky   3.111 5 
Goddard                                             'peak picking'       Sparky   3.111 6 
'Brunger, Adams, Clore, Gros, Nilges and Read'      'structure solution' CNSSOLVE 1.1   7 
'Brunger, Adams, Clore, Gros, Nilges and Read'      refinement           CNSSOLVE 1.1   8 
# 
loop_
_chem_comp_atom.comp_id 
_chem_comp_atom.atom_id 
_chem_comp_atom.type_symbol 
_chem_comp_atom.pdbx_aromatic_flag 
_chem_comp_atom.pdbx_stereo_config 
_chem_comp_atom.pdbx_ordinal 
C4S O3P    O N N 1   
C4S P      P N N 2   
C4S O1P    O N N 3   
C4S O2P    O N N 4   
C4S "O5'"  O N N 5   
C4S N1     N N N 6   
C4S C6     C N N 7   
C4S C2     C N N 8   
C4S O2     O N N 9   
C4S N3     N N N 10  
C4S C4     C N N 11  
C4S N4     N N N 12  
C4S C5     C N N 13  
C4S "C2'"  C N N 14  
C4S "C5'"  C N N 15  
C4S "C4'"  C N R 16  
C4S "S4'"  S N N 17  
C4S "C1'"  C N R 18  
C4S "C3'"  C N S 19  
C4S "O3'"  O N N 20  
C4S "H15'" H N N 21  
C4S "H25'" H N N 22  
C4S "H4'"  H N N 23  
C4S "H1'"  H N N 24  
C4S H6     H N N 25  
C4S H1N4   H N N 26  
C4S H2N4   H N N 27  
C4S H5     H N N 28  
C4S "H12'" H N N 29  
C4S "H22'" H N N 30  
C4S "H3'"  H N N 31  
C4S HO3P   H N N 32  
C4S HO1P   H N N 33  
C4S "HO3'" H N N 34  
S4A O3P    O N N 35  
S4A P      P N N 36  
S4A O1P    O N N 37  
S4A O2P    O N N 38  
S4A "O5'"  O N N 39  
S4A N9     N Y N 40  
S4A C4     C Y N 41  
S4A N3     N Y N 42  
S4A C2     C Y N 43  
S4A N1     N Y N 44  
S4A C6     C Y N 45  
S4A N6     N N N 46  
S4A C5     C Y N 47  
S4A N7     N Y N 48  
S4A C8     C Y N 49  
S4A "C2'"  C N N 50  
S4A "C5'"  C N N 51  
S4A "C4'"  C N R 52  
S4A "S4'"  S N N 53  
S4A "C1'"  C N R 54  
S4A "C3'"  C N S 55  
S4A "O3'"  O N N 56  
S4A "H15'" H N N 57  
S4A "H25'" H N N 58  
S4A "H4'"  H N N 59  
S4A "H1'"  H N N 60  
S4A H2     H N N 61  
S4A H1N6   H N N 62  
S4A H2N6   H N N 63  
S4A H8     H N N 64  
S4A "H12'" H N N 65  
S4A "H22'" H N N 66  
S4A "H3'"  H N N 67  
S4A HO3P   H N N 68  
S4A HO1P   H N N 69  
S4A "HO3'" H N N 70  
S4G O3P    O N N 71  
S4G P      P N N 72  
S4G O1P    O N N 73  
S4G O2P    O N N 74  
S4G "O5'"  O N N 75  
S4G N9     N Y N 76  
S4G C4     C Y N 77  
S4G N3     N N N 78  
S4G C2     C N N 79  
S4G N2     N N N 80  
S4G N1     N N N 81  
S4G C6     C N N 82  
S4G O6     O N N 83  
S4G C5     C Y N 84  
S4G N7     N Y N 85  
S4G C8     C Y N 86  
S4G "C2'"  C N N 87  
S4G "C5'"  C N N 88  
S4G "C4'"  C N R 89  
S4G "S4'"  S N N 90  
S4G "C1'"  C N R 91  
S4G "C3'"  C N S 92  
S4G "O3'"  O N N 93  
S4G "H15'" H N N 94  
S4G "H25'" H N N 95  
S4G "H4'"  H N N 96  
S4G "H1'"  H N N 97  
S4G H1N2   H N N 98  
S4G H2N2   H N N 99  
S4G HN1    H N N 100 
S4G H8     H N N 101 
S4G "H12'" H N N 102 
S4G "H22'" H N N 103 
S4G "H3'"  H N N 104 
S4G HO3P   H N N 105 
S4G HO2P   H N N 106 
S4G "HO3'" H N N 107 
T49 O3P    O N N 108 
T49 P      P N N 109 
T49 O1P    O N N 110 
T49 O2P    O N N 111 
T49 "O5'"  O N N 112 
T49 "C5'"  C N N 113 
T49 "C4'"  C N R 114 
T49 "C3'"  C N S 115 
T49 "O3'"  O N N 116 
T49 "C2'"  C N N 117 
T49 "C1'"  C N R 118 
T49 N1     N N N 119 
T49 C2     C N N 120 
T49 O2     O N N 121 
T49 N3     N N N 122 
T49 C4     C N N 123 
T49 O4     O N N 124 
T49 C5     C N N 125 
T49 C5M    C N N 126 
T49 C6     C N N 127 
T49 S      S N N 128 
T49 H1P    H N N 129 
T49 H2P    H N N 130 
T49 "H5'1" H N N 131 
T49 "H5'2" H N N 132 
T49 "H4'"  H N N 133 
T49 "H3'"  H N N 134 
T49 HA     H N N 135 
T49 "H2'1" H N N 136 
T49 "H2'2" H N N 137 
T49 "H1'"  H N N 138 
T49 H3     H N N 139 
T49 H5M1   H N N 140 
T49 H5M2   H N N 141 
T49 H5M3   H N N 142 
T49 H6     H N N 143 
# 
loop_
_chem_comp_bond.comp_id 
_chem_comp_bond.atom_id_1 
_chem_comp_bond.atom_id_2 
_chem_comp_bond.value_order 
_chem_comp_bond.pdbx_aromatic_flag 
_chem_comp_bond.pdbx_stereo_config 
_chem_comp_bond.pdbx_ordinal 
C4S O3P    P      sing N N 1   
C4S O3P    HO3P   sing N N 2   
C4S O2P    P      doub N N 3   
C4S P      "O5'"  sing N N 4   
C4S P      O1P    sing N N 5   
C4S O1P    HO1P   sing N N 6   
C4S "C5'"  "O5'"  sing N N 7   
C4S "C1'"  N1     sing N N 8   
C4S N1     C6     sing N N 9   
C4S N1     C2     sing N N 10  
C4S H6     C6     sing N N 11  
C4S C6     C5     doub N N 12  
C4S O2     C2     doub N N 13  
C4S C2     N3     sing N N 14  
C4S N3     C4     doub N N 15  
C4S C5     C4     sing N N 16  
C4S C4     N4     sing N N 17  
C4S N4     H1N4   sing N N 18  
C4S N4     H2N4   sing N N 19  
C4S C5     H5     sing N N 20  
C4S "C3'"  "C2'"  sing N N 21  
C4S "H22'" "C2'"  sing N N 22  
C4S "C2'"  "H12'" sing N N 23  
C4S "C2'"  "C1'"  sing N N 24  
C4S "H15'" "C5'"  sing N N 25  
C4S "H25'" "C5'"  sing N N 26  
C4S "C5'"  "C4'"  sing N N 27  
C4S "H4'"  "C4'"  sing N N 28  
C4S "C4'"  "C3'"  sing N N 29  
C4S "C4'"  "S4'"  sing N N 30  
C4S "S4'"  "C1'"  sing N N 31  
C4S "C1'"  "H1'"  sing N N 32  
C4S "O3'"  "C3'"  sing N N 33  
C4S "C3'"  "H3'"  sing N N 34  
C4S "O3'"  "HO3'" sing N N 35  
S4A O3P    P      sing N N 36  
S4A O3P    HO3P   sing N N 37  
S4A O2P    P      doub N N 38  
S4A P      O1P    sing N N 39  
S4A P      "O5'"  sing N N 40  
S4A O1P    HO1P   sing N N 41  
S4A "O5'"  "C5'"  sing N N 42  
S4A C8     N9     sing Y N 43  
S4A "C1'"  N9     sing N N 44  
S4A N9     C4     sing Y N 45  
S4A C5     C4     doub Y N 46  
S4A C4     N3     sing Y N 47  
S4A N3     C2     doub Y N 48  
S4A C2     N1     sing Y N 49  
S4A C2     H2     sing N N 50  
S4A C6     N1     doub Y N 51  
S4A C5     C6     sing Y N 52  
S4A N6     C6     sing N N 53  
S4A H1N6   N6     sing N N 54  
S4A N6     H2N6   sing N N 55  
S4A N7     C5     sing Y N 56  
S4A C8     N7     doub Y N 57  
S4A H8     C8     sing N N 58  
S4A "C3'"  "C2'"  sing N N 59  
S4A "C1'"  "C2'"  sing N N 60  
S4A "C2'"  "H22'" sing N N 61  
S4A "C2'"  "H12'" sing N N 62  
S4A "H15'" "C5'"  sing N N 63  
S4A "H25'" "C5'"  sing N N 64  
S4A "C5'"  "C4'"  sing N N 65  
S4A "H4'"  "C4'"  sing N N 66  
S4A "C4'"  "S4'"  sing N N 67  
S4A "C4'"  "C3'"  sing N N 68  
S4A "S4'"  "C1'"  sing N N 69  
S4A "C1'"  "H1'"  sing N N 70  
S4A "H3'"  "C3'"  sing N N 71  
S4A "C3'"  "O3'"  sing N N 72  
S4A "O3'"  "HO3'" sing N N 73  
S4G P      O3P    sing N N 74  
S4G O3P    HO3P   sing N N 75  
S4G O1P    P      doub N N 76  
S4G "O5'"  P      sing N N 77  
S4G P      O2P    sing N N 78  
S4G O2P    HO2P   sing N N 79  
S4G "C5'"  "O5'"  sing N N 80  
S4G "C1'"  N9     sing N N 81  
S4G N9     C4     sing Y N 82  
S4G N9     C8     sing Y N 83  
S4G N3     C4     sing N N 84  
S4G C4     C5     doub Y N 85  
S4G N3     C2     doub N N 86  
S4G N2     C2     sing N N 87  
S4G C2     N1     sing N N 88  
S4G H1N2   N2     sing N N 89  
S4G N2     H2N2   sing N N 90  
S4G N1     HN1    sing N N 91  
S4G N1     C6     sing N N 92  
S4G C5     C6     sing N N 93  
S4G C6     O6     doub N N 94  
S4G C5     N7     sing Y N 95  
S4G C8     N7     doub Y N 96  
S4G H8     C8     sing N N 97  
S4G "H22'" "C2'"  sing N N 98  
S4G "C3'"  "C2'"  sing N N 99  
S4G "C2'"  "H12'" sing N N 100 
S4G "C2'"  "C1'"  sing N N 101 
S4G "H25'" "C5'"  sing N N 102 
S4G "H15'" "C5'"  sing N N 103 
S4G "C4'"  "C5'"  sing N N 104 
S4G "H4'"  "C4'"  sing N N 105 
S4G "C4'"  "C3'"  sing N N 106 
S4G "C4'"  "S4'"  sing N N 107 
S4G "S4'"  "C1'"  sing N N 108 
S4G "H1'"  "C1'"  sing N N 109 
S4G "O3'"  "C3'"  sing N N 110 
S4G "C3'"  "H3'"  sing N N 111 
S4G "O3'"  "HO3'" sing N N 112 
T49 O3P    P      doub N N 113 
T49 P      O1P    sing N N 114 
T49 P      O2P    sing N N 115 
T49 P      "O5'"  sing N N 116 
T49 O1P    H1P    sing N N 117 
T49 O2P    H2P    sing N N 118 
T49 "O5'"  "C5'"  sing N N 119 
T49 "C5'"  "C4'"  sing N N 120 
T49 "C5'"  "H5'1" sing N N 121 
T49 "C5'"  "H5'2" sing N N 122 
T49 "C4'"  "C3'"  sing N N 123 
T49 "C4'"  S      sing N N 124 
T49 "C4'"  "H4'"  sing N N 125 
T49 "C3'"  "O3'"  sing N N 126 
T49 "C3'"  "C2'"  sing N N 127 
T49 "C3'"  "H3'"  sing N N 128 
T49 "O3'"  HA     sing N N 129 
T49 "C2'"  "C1'"  sing N N 130 
T49 "C2'"  "H2'1" sing N N 131 
T49 "C2'"  "H2'2" sing N N 132 
T49 "C1'"  N1     sing N N 133 
T49 "C1'"  S      sing N N 134 
T49 "C1'"  "H1'"  sing N N 135 
T49 N1     C2     sing N N 136 
T49 N1     C6     sing N N 137 
T49 C2     O2     doub N N 138 
T49 C2     N3     sing N N 139 
T49 N3     C4     sing N N 140 
T49 N3     H3     sing N N 141 
T49 C4     O4     doub N N 142 
T49 C4     C5     sing N N 143 
T49 C5     C5M    sing N N 144 
T49 C5     C6     doub N N 145 
T49 C5M    H5M1   sing N N 146 
T49 C5M    H5M2   sing N N 147 
T49 C5M    H5M3   sing N N 148 
T49 C6     H6     sing N N 149 
# 
loop_
_ndb_struct_conf_na.entry_id 
_ndb_struct_conf_na.feature 
2RMQ 'double helix'        
2RMQ 'a-form double helix' 
# 
loop_
_ndb_struct_na_base_pair.model_number 
_ndb_struct_na_base_pair.i_label_asym_id 
_ndb_struct_na_base_pair.i_label_comp_id 
_ndb_struct_na_base_pair.i_label_seq_id 
_ndb_struct_na_base_pair.i_symmetry 
_ndb_struct_na_base_pair.j_label_asym_id 
_ndb_struct_na_base_pair.j_label_comp_id 
_ndb_struct_na_base_pair.j_label_seq_id 
_ndb_struct_na_base_pair.j_symmetry 
_ndb_struct_na_base_pair.shear 
_ndb_struct_na_base_pair.stretch 
_ndb_struct_na_base_pair.stagger 
_ndb_struct_na_base_pair.buckle 
_ndb_struct_na_base_pair.propeller 
_ndb_struct_na_base_pair.opening 
_ndb_struct_na_base_pair.pair_number 
_ndb_struct_na_base_pair.pair_name 
_ndb_struct_na_base_pair.i_auth_asym_id 
_ndb_struct_na_base_pair.i_auth_seq_id 
_ndb_struct_na_base_pair.i_PDB_ins_code 
_ndb_struct_na_base_pair.j_auth_asym_id 
_ndb_struct_na_base_pair.j_auth_seq_id 
_ndb_struct_na_base_pair.j_PDB_ins_code 
_ndb_struct_na_base_pair.hbond_type_28 
_ndb_struct_na_base_pair.hbond_type_12 
1 A C4S 1  1_555 B S4G 12 1_555 1.098  -0.291 0.167  3.064   1.028   -3.946  1  A_C4S1:S4G24_B  A 1  ? B 24 ? 19 1 
1 A S4G 2  1_555 B C4S 11 1_555 0.279  -0.411 0.398  3.637   -9.432  -4.999  2  A_S4G2:C4S23_B  A 2  ? B 23 ? 19 1 
1 A C4S 3  1_555 B S4G 10 1_555 0.249  -0.597 -0.187 7.140   -15.464 -4.453  3  A_C4S3:S4G22_B  A 3  ? B 22 ? 19 1 
1 A S4G 4  1_555 B C4S 9  1_555 -0.054 -0.506 -0.470 -10.414 -12.872 -5.080  4  A_S4G4:C4S21_B  A 4  ? B 21 ? 19 1 
1 A S4A 5  1_555 B T49 8  1_555 0.787  -0.270 -0.019 -12.798 -15.287 -16.771 5  A_S4A5:T4920_B  A 5  ? B 20 ? 20 1 
1 A S4A 6  1_555 B T49 7  1_555 0.991  -0.083 0.365  -4.032  -3.269  -26.131 6  A_S4A6:T4919_B  A 6  ? B 19 ? 20 1 
1 A T49 7  1_555 B S4A 6  1_555 -0.209 0.068  0.334  0.054   -5.120  -31.341 7  A_T497:S4A18_B  A 7  ? B 18 ? 20 1 
1 A T49 8  1_555 B S4A 5  1_555 -0.312 -0.293 0.193  11.484  -16.140 -19.926 8  A_T498:S4A17_B  A 8  ? B 17 ? 20 1 
1 A C4S 9  1_555 B S4G 4  1_555 0.019  -0.485 -0.399 11.093  -7.881  -5.965  9  A_C4S9:S4G16_B  A 9  ? B 16 ? 19 1 
1 A S4G 10 1_555 B C4S 3  1_555 -0.283 -0.598 -0.418 -9.798  -13.686 -3.124  10 A_S4G10:C4S15_B A 10 ? B 15 ? 19 1 
1 A C4S 11 1_555 B S4G 2  1_555 -0.338 -0.399 0.425  -3.778  -8.522  -5.781  11 A_C4S11:S4G14_B A 11 ? B 14 ? 19 1 
1 A S4G 12 1_555 B C4S 1  1_555 -1.250 -0.412 0.165  -5.303  0.534   -3.762  12 A_S4G12:C4S13_B A 12 ? B 13 ? 19 1 
# 
loop_
_ndb_struct_na_base_pair_step.model_number 
_ndb_struct_na_base_pair_step.i_label_asym_id_1 
_ndb_struct_na_base_pair_step.i_label_comp_id_1 
_ndb_struct_na_base_pair_step.i_label_seq_id_1 
_ndb_struct_na_base_pair_step.i_symmetry_1 
_ndb_struct_na_base_pair_step.j_label_asym_id_1 
_ndb_struct_na_base_pair_step.j_label_comp_id_1 
_ndb_struct_na_base_pair_step.j_label_seq_id_1 
_ndb_struct_na_base_pair_step.j_symmetry_1 
_ndb_struct_na_base_pair_step.i_label_asym_id_2 
_ndb_struct_na_base_pair_step.i_label_comp_id_2 
_ndb_struct_na_base_pair_step.i_label_seq_id_2 
_ndb_struct_na_base_pair_step.i_symmetry_2 
_ndb_struct_na_base_pair_step.j_label_asym_id_2 
_ndb_struct_na_base_pair_step.j_label_comp_id_2 
_ndb_struct_na_base_pair_step.j_label_seq_id_2 
_ndb_struct_na_base_pair_step.j_symmetry_2 
_ndb_struct_na_base_pair_step.shift 
_ndb_struct_na_base_pair_step.slide 
_ndb_struct_na_base_pair_step.rise 
_ndb_struct_na_base_pair_step.tilt 
_ndb_struct_na_base_pair_step.roll 
_ndb_struct_na_base_pair_step.twist 
_ndb_struct_na_base_pair_step.x_displacement 
_ndb_struct_na_base_pair_step.y_displacement 
_ndb_struct_na_base_pair_step.helical_rise 
_ndb_struct_na_base_pair_step.inclination 
_ndb_struct_na_base_pair_step.tip 
_ndb_struct_na_base_pair_step.helical_twist 
_ndb_struct_na_base_pair_step.step_number 
_ndb_struct_na_base_pair_step.step_name 
_ndb_struct_na_base_pair_step.i_auth_asym_id_1 
_ndb_struct_na_base_pair_step.i_auth_seq_id_1 
_ndb_struct_na_base_pair_step.i_PDB_ins_code_1 
_ndb_struct_na_base_pair_step.j_auth_asym_id_1 
_ndb_struct_na_base_pair_step.j_auth_seq_id_1 
_ndb_struct_na_base_pair_step.j_PDB_ins_code_1 
_ndb_struct_na_base_pair_step.i_auth_asym_id_2 
_ndb_struct_na_base_pair_step.i_auth_seq_id_2 
_ndb_struct_na_base_pair_step.i_PDB_ins_code_2 
_ndb_struct_na_base_pair_step.j_auth_asym_id_2 
_ndb_struct_na_base_pair_step.j_auth_seq_id_2 
_ndb_struct_na_base_pair_step.j_PDB_ins_code_2 
1 A C4S 1  1_555 B S4G 12 1_555 A S4G 2  1_555 B C4S 11 1_555 -0.266 -2.269 2.477 -1.684 26.548 30.116 -4.882 0.291  0.422 42.216  
2.678   39.977 1  AA_C4S1S4G2:C4S23S4G24_BB   A 1  ? B 24 ? A 2  ? B 23 ? 
1 A S4G 2  1_555 B C4S 11 1_555 A C4S 3  1_555 B S4G 10 1_555 0.223  -2.505 2.733 5.391  -6.234 29.591 -3.605 0.555  3.173 -11.918 
-10.305 30.692 2  AA_S4G2C4S3:S4G22C4S23_BB   A 2  ? B 23 ? A 3  ? B 22 ? 
1 A C4S 3  1_555 B S4G 10 1_555 A S4G 4  1_555 B C4S 9  1_555 -0.639 -2.564 3.147 2.494  19.912 28.201 -6.542 1.356  1.090 35.711  
-4.474  34.494 3  AA_C4S3S4G4:C4S21S4G22_BB   A 3  ? B 22 ? A 4  ? B 21 ? 
1 A S4G 4  1_555 B C4S 9  1_555 A S4A 5  1_555 B T49 8  1_555 -0.606 -1.997 2.815 -3.016 5.743  31.788 -4.400 0.652  2.471 10.350  
5.435   32.426 4  AA_S4G4S4A5:T4920C4S21_BB   A 4  ? B 21 ? A 5  ? B 20 ? 
1 A S4A 5  1_555 B T49 8  1_555 A S4A 6  1_555 B T49 7  1_555 -0.933 -2.155 2.240 -1.089 4.054  44.702 -3.065 1.157  2.068 5.317   
1.428   44.889 5  AA_S4A5S4A6:T4919T4920_BB   A 5  ? B 20 ? A 6  ? B 19 ? 
1 A S4A 6  1_555 B T49 7  1_555 A T49 7  1_555 B S4A 6  1_555 -0.192 -2.631 2.592 0.626  -1.582 36.073 -4.064 0.381  2.698 -2.553  
-1.010  36.111 6  AA_S4A6T497:S4A18T4919_BB   A 6  ? B 19 ? A 7  ? B 18 ? 
1 A T49 7  1_555 B S4A 6  1_555 A T49 8  1_555 B S4A 5  1_555 0.953  -2.158 2.175 0.215  4.552  42.561 -3.245 -1.292 1.949 6.249   
-0.296  42.793 7  AA_T497T498:S4A17S4A18_BB   A 7  ? B 18 ? A 8  ? B 17 ? 
1 A T49 8  1_555 B S4A 5  1_555 A C4S 9  1_555 B S4G 4  1_555 0.779  -2.128 2.745 4.123  3.126  30.540 -4.483 -0.804 2.599 5.882   
-7.757  30.965 8  AA_T498C4S9:S4G16S4A17_BB   A 8  ? B 17 ? A 9  ? B 16 ? 
1 A C4S 9  1_555 B S4G 4  1_555 A S4G 10 1_555 B C4S 3  1_555 0.618  -2.834 3.401 -0.896 13.426 29.265 -7.173 -1.252 1.928 24.975  
1.666   32.149 9  AA_C4S9S4G10:C4S15S4G16_BB  A 9  ? B 16 ? A 10 ? B 15 ? 
1 A S4G 10 1_555 B C4S 3  1_555 A C4S 11 1_555 B S4G 2  1_555 -0.293 -2.396 2.814 -7.278 -9.694 28.082 -2.638 -0.879 3.407 -18.901 
14.191  30.538 10 AA_S4G10C4S11:S4G14C4S15_BB A 10 ? B 15 ? A 11 ? B 14 ? 
1 A C4S 11 1_555 B S4G 2  1_555 A S4G 12 1_555 B C4S 1  1_555 -0.022 -2.584 2.396 0.115  13.518 31.644 -5.597 0.047  1.221 23.494  
-0.200  34.343 11 AA_C4S11S4G12:C4S13S4G14_BB A 11 ? B 14 ? A 12 ? B 13 ? 
# 
loop_
_pdbx_nmr_spectrometer.field_strength 
_pdbx_nmr_spectrometer.manufacturer 
_pdbx_nmr_spectrometer.model 
_pdbx_nmr_spectrometer.spectrometer_id 
_pdbx_nmr_spectrometer.type 
800 Bruker DRX 1 'Bruker DRX' 
600 Bruker DRX 2 'Bruker DRX' 
# 
_atom_sites.entry_id                    2RMQ 
_atom_sites.fract_transf_matrix[1][1]   1.000000 
_atom_sites.fract_transf_matrix[1][2]   0.000000 
_atom_sites.fract_transf_matrix[1][3]   0.000000 
_atom_sites.fract_transf_matrix[2][1]   0.000000 
_atom_sites.fract_transf_matrix[2][2]   1.000000 
_atom_sites.fract_transf_matrix[2][3]   0.000000 
_atom_sites.fract_transf_matrix[3][1]   0.000000 
_atom_sites.fract_transf_matrix[3][2]   0.000000 
_atom_sites.fract_transf_matrix[3][3]   1.000000 
_atom_sites.fract_transf_vector[1]      0.00000 
_atom_sites.fract_transf_vector[2]      0.00000 
_atom_sites.fract_transf_vector[3]      0.00000 
# 
loop_
_atom_type.symbol 
C 
H 
N 
O 
P 
S 
# 
loop_
_atom_site.group_PDB 
_atom_site.id 
_atom_site.type_symbol 
_atom_site.label_atom_id 
_atom_site.label_alt_id 
_atom_site.label_comp_id 
_atom_site.label_asym_id 
_atom_site.label_entity_id 
_atom_site.label_seq_id 
_atom_site.pdbx_PDB_ins_code 
_atom_site.Cartn_x 
_atom_site.Cartn_y 
_atom_site.Cartn_z 
_atom_site.occupancy 
_atom_site.B_iso_or_equiv 
_atom_site.pdbx_formal_charge 
_atom_site.auth_seq_id 
_atom_site.auth_comp_id 
_atom_site.auth_asym_id 
_atom_site.auth_atom_id 
_atom_site.pdbx_PDB_model_num 
HETATM 1   O "O5'"  . C4S A 1 1  ? 3.506   -8.426  15.060  1.00 0.00 ? 1  C4S A "O5'"  1 
HETATM 2   N N1     . C4S A 1 1  ? 5.258   -2.805  13.181  1.00 0.00 ? 1  C4S A N1     1 
HETATM 3   C C6     . C4S A 1 1  ? 5.826   -3.466  12.130  1.00 0.00 ? 1  C4S A C6     1 
HETATM 4   C C2     . C4S A 1 1  ? 5.241   -1.409  13.212  1.00 0.00 ? 1  C4S A C2     1 
HETATM 5   O O2     . C4S A 1 1  ? 4.723   -0.838  14.182  1.00 0.00 ? 1  C4S A O2     1 
HETATM 6   N N3     . C4S A 1 1  ? 5.789   -0.719  12.187  1.00 0.00 ? 1  C4S A N3     1 
HETATM 7   C C4     . C4S A 1 1  ? 6.339   -1.373  11.161  1.00 0.00 ? 1  C4S A C4     1 
HETATM 8   N N4     . C4S A 1 1  ? 6.864   -0.650  10.169  1.00 0.00 ? 1  C4S A N4     1 
HETATM 9   C C5     . C4S A 1 1  ? 6.374   -2.797  11.107  1.00 0.00 ? 1  C4S A C5     1 
HETATM 10  C "C2'"  . C4S A 1 1  ? 3.264   -4.130  13.991  1.00 0.00 ? 1  C4S A "C2'"  1 
HETATM 11  C "C5'"  . C4S A 1 1  ? 4.650   -7.667  14.653  1.00 0.00 ? 1  C4S A "C5'"  1 
HETATM 12  C "C4'"  . C4S A 1 1  ? 4.324   -6.214  14.903  1.00 0.00 ? 1  C4S A "C4'"  1 
HETATM 13  S "S4'"  . C4S A 1 1  ? 5.694   -5.007  14.678  1.00 0.00 ? 1  C4S A "S4'"  1 
HETATM 14  C "C1'"  . C4S A 1 1  ? 4.652   -3.549  14.297  1.00 0.00 ? 1  C4S A "C1'"  1 
HETATM 15  C "C3'"  . C4S A 1 1  ? 3.319   -5.646  13.908  1.00 0.00 ? 1  C4S A "C3'"  1 
HETATM 16  O "O3'"  . C4S A 1 1  ? 1.955   -6.065  14.035  1.00 0.00 ? 1  C4S A "O3'"  1 
HETATM 17  H "H15'" . C4S A 1 1  ? 4.845   -7.825  13.593  1.00 0.00 ? 1  C4S A "H15'" 1 
HETATM 18  H "H25'" . C4S A 1 1  ? 5.521   -7.966  15.239  1.00 0.00 ? 1  C4S A "H25'" 1 
HETATM 19  H "H4'"  . C4S A 1 1  ? 3.924   -6.109  15.912  1.00 0.00 ? 1  C4S A "H4'"  1 
HETATM 20  H "H1'"  . C4S A 1 1  ? 4.590   -2.906  15.175  1.00 0.00 ? 1  C4S A "H1'"  1 
HETATM 21  H H6     . C4S A 1 1  ? 5.837   -4.555  12.124  1.00 0.00 ? 1  C4S A H6     1 
HETATM 22  H H1N4   . C4S A 1 1  ? 7.287   -1.111  9.377   1.00 0.00 ? 1  C4S A H1N4   1 
HETATM 23  H H2N4   . C4S A 1 1  ? 6.837   0.359   10.213  1.00 0.00 ? 1  C4S A H2N4   1 
HETATM 24  H H5     . C4S A 1 1  ? 6.826   -3.320  10.264  1.00 0.00 ? 1  C4S A H5     1 
HETATM 25  H "H12'" . C4S A 1 1  ? 2.575   -3.824  14.773  1.00 0.00 ? 1  C4S A "H12'" 1 
HETATM 26  H "H22'" . C4S A 1 1  ? 2.889   -3.727  13.046  1.00 0.00 ? 1  C4S A "H22'" 1 
HETATM 27  H "H3'"  . C4S A 1 1  ? 3.657   -5.912  12.906  1.00 0.00 ? 1  C4S A "H3'"  1 
HETATM 28  H "HO5'" . C4S A 1 1  ? 3.529   -8.485  16.018  1.00 0.00 ? 1  C4S A "HO5'" 1 
HETATM 29  P P      . S4G A 1 2  ? 0.860   -5.549  12.976  1.00 0.00 ? 2  S4G A P      1 
HETATM 30  O O1P    . S4G A 1 2  ? -0.411  -6.257  13.273  1.00 0.00 ? 2  S4G A O1P    1 
HETATM 31  O O2P    . S4G A 1 2  ? 1.450   -5.638  11.616  1.00 0.00 ? 2  S4G A O2P    1 
HETATM 32  O "O5'"  . S4G A 1 2  ? 0.667   -4.010  13.340  1.00 0.00 ? 2  S4G A "O5'"  1 
HETATM 33  N N9     . S4G A 1 2  ? 1.853   0.344   12.331  1.00 0.00 ? 2  S4G A N9     1 
HETATM 34  C C4     . S4G A 1 2  ? 2.324   1.466   11.698  1.00 0.00 ? 2  S4G A C4     1 
HETATM 35  N N3     . S4G A 1 2  ? 1.850   2.719   11.851  1.00 0.00 ? 2  S4G A N3     1 
HETATM 36  C C2     . S4G A 1 2  ? 2.500   3.587   11.098  1.00 0.00 ? 2  S4G A C2     1 
HETATM 37  N N2     . S4G A 1 2  ? 2.156   4.877   11.130  1.00 0.00 ? 2  S4G A N2     1 
HETATM 38  N N1     . S4G A 1 2  ? 3.535   3.253   10.258  1.00 0.00 ? 2  S4G A N1     1 
HETATM 39  C C6     . S4G A 1 2  ? 4.040   1.966   10.086  1.00 0.00 ? 2  S4G A C6     1 
HETATM 40  O O6     . S4G A 1 2  ? 4.977   1.770   9.304   1.00 0.00 ? 2  S4G A O6     1 
HETATM 41  C C5     . S4G A 1 2  ? 3.350   1.025   10.892  1.00 0.00 ? 2  S4G A C5     1 
HETATM 42  N N7     . S4G A 1 2  ? 3.526   -0.346  11.026  1.00 0.00 ? 2  S4G A N7     1 
HETATM 43  C C8     . S4G A 1 2  ? 2.612   -0.700  11.887  1.00 0.00 ? 2  S4G A C8     1 
HETATM 44  C "C2'"  . S4G A 1 2  ? -0.570  -0.056  12.568  1.00 0.00 ? 2  S4G A "C2'"  1 
HETATM 45  C "C5'"  . S4G A 1 2  ? -0.446  -3.574  14.119  1.00 0.00 ? 2  S4G A "C5'"  1 
HETATM 46  C "C4'"  . S4G A 1 2  ? -0.543  -2.066  14.074  1.00 0.00 ? 2  S4G A "C4'"  1 
HETATM 47  S "S4'"  . S4G A 1 2  ? 1.011   -1.137  14.417  1.00 0.00 ? 2  S4G A "S4'"  1 
HETATM 48  C "C1'"  . S4G A 1 2  ? 0.742   0.266   13.267  1.00 0.00 ? 2  S4G A "C1'"  1 
HETATM 49  C "C3'"  . S4G A 1 2  ? -0.886  -1.533  12.686  1.00 0.00 ? 2  S4G A "C3'"  1 
HETATM 50  O "O3'"  . S4G A 1 2  ? -2.244  -1.633  12.244  1.00 0.00 ? 2  S4G A "O3'"  1 
HETATM 51  H "H15'" . S4G A 1 2  ? -1.362  -4.010  13.719  1.00 0.00 ? 2  S4G A "H15'" 1 
HETATM 52  H "H25'" . S4G A 1 2  ? -0.316  -3.898  15.151  1.00 0.00 ? 2  S4G A "H25'" 1 
HETATM 53  H "H4'"  . S4G A 1 2  ? -1.310  -1.741  14.777  1.00 0.00 ? 2  S4G A "H4'"  1 
HETATM 54  H "H1'"  . S4G A 1 2  ? 0.653   1.198   13.825  1.00 0.00 ? 2  S4G A "H1'"  1 
HETATM 55  H H1N2   . S4G A 1 2  ? 1.402   5.187   11.727  1.00 0.00 ? 2  S4G A H1N2   1 
HETATM 56  H H2N2   . S4G A 1 2  ? 2.650   5.542   10.555  1.00 0.00 ? 2  S4G A H2N2   1 
HETATM 57  H HN1    . S4G A 1 2  ? 3.955   4.004   9.723   1.00 0.00 ? 2  S4G A HN1    1 
HETATM 58  H H8     . S4G A 1 2  ? 2.451   -1.715  12.204  1.00 0.00 ? 2  S4G A H8     1 
HETATM 59  H "H12'" . S4G A 1 2  ? -1.361  0.532   13.011  1.00 0.00 ? 2  S4G A "H12'" 1 
HETATM 60  H "H22'" . S4G A 1 2  ? -0.503  0.218   11.512  1.00 0.00 ? 2  S4G A "H22'" 1 
HETATM 61  H "H3'"  . S4G A 1 2  ? -0.263  -2.062  11.965  1.00 0.00 ? 2  S4G A "H3'"  1 
HETATM 62  P P      . C4S A 1 3  ? -2.626  -1.202  10.740  1.00 0.00 ? 3  C4S A P      1 
HETATM 63  O O1P    . C4S A 1 3  ? -1.717  -1.937  9.824   1.00 0.00 ? 3  C4S A O1P    1 
HETATM 64  O O2P    . C4S A 1 3  ? -4.096  -1.337  10.579  1.00 0.00 ? 3  C4S A O2P    1 
HETATM 65  O "O5'"  . C4S A 1 3  ? -2.255  0.347   10.667  1.00 0.00 ? 3  C4S A "O5'"  1 
HETATM 66  N N1     . C4S A 1 3  ? 0.636   3.431   9.041   1.00 0.00 ? 3  C4S A N1     1 
HETATM 67  C C6     . C4S A 1 3  ? 0.672   2.077   8.907   1.00 0.00 ? 3  C4S A C6     1 
HETATM 68  C C2     . C4S A 1 3  ? 1.558   4.226   8.390   1.00 0.00 ? 3  C4S A C2     1 
HETATM 69  O O2     . C4S A 1 3  ? 1.503   5.451   8.547   1.00 0.00 ? 3  C4S A O2     1 
HETATM 70  N N3     . C4S A 1 3  ? 2.489   3.645   7.603   1.00 0.00 ? 3  C4S A N3     1 
HETATM 71  C C4     . C4S A 1 3  ? 2.513   2.321   7.470   1.00 0.00 ? 3  C4S A C4     1 
HETATM 72  N N4     . C4S A 1 3  ? 3.431   1.784   6.675   1.00 0.00 ? 3  C4S A N4     1 
HETATM 73  C C5     . C4S A 1 3  ? 1.592   1.486   8.143   1.00 0.00 ? 3  C4S A C5     1 
HETATM 74  C "C2'"  . C4S A 1 3  ? -1.690  4.295   9.111   1.00 0.00 ? 3  C4S A "C2'"  1 
HETATM 75  C "C5'"  . C4S A 1 3  ? -3.196  1.344   11.067  1.00 0.00 ? 3  C4S A "C5'"  1 
HETATM 76  C "C4'"  . C4S A 1 3  ? -2.623  2.723   10.828  1.00 0.00 ? 3  C4S A "C4'"  1 
HETATM 77  S "S4'"  . C4S A 1 3  ? -0.843  2.958   11.248  1.00 0.00 ? 3  C4S A "S4'"  1 
HETATM 78  C "C1'"  . C4S A 1 3  ? -0.387  4.072   9.863   1.00 0.00 ? 3  C4S A "C1'"  1 
HETATM 79  C "C3'"  . C4S A 1 3  ? -2.610  3.112   9.354   1.00 0.00 ? 3  C4S A "C3'"  1 
HETATM 80  O "O3'"  . C4S A 1 3  ? -3.865  3.452   8.744   1.00 0.00 ? 3  C4S A "O3'"  1 
HETATM 81  H "H15'" . C4S A 1 3  ? -3.419  1.225   12.125  1.00 0.00 ? 3  C4S A "H15'" 1 
HETATM 82  H "H25'" . C4S A 1 3  ? -4.112  1.227   10.489  1.00 0.00 ? 3  C4S A "H25'" 1 
HETATM 83  H "H4'"  . C4S A 1 3  ? -3.215  3.450   11.382  1.00 0.00 ? 3  C4S A "H4'"  1 
HETATM 84  H "H1'"  . C4S A 1 3  ? -0.014  5.019   10.253  1.00 0.00 ? 3  C4S A "H1'"  1 
HETATM 85  H H6     . C4S A 1 3  ? -0.070  1.471   9.418   1.00 0.00 ? 3  C4S A H6     1 
HETATM 86  H H1N4   . C4S A 1 3  ? 3.482   0.785   6.547   1.00 0.00 ? 3  C4S A H1N4   1 
HETATM 87  H H2N4   . C4S A 1 3  ? 4.041   2.400   6.165   1.00 0.00 ? 3  C4S A H2N4   1 
HETATM 88  H H5     . C4S A 1 3  ? 1.636   0.411   8.040   1.00 0.00 ? 3  C4S A H5     1 
HETATM 89  H "H12'" . C4S A 1 3  ? -2.145  5.218   9.444   1.00 0.00 ? 3  C4S A "H12'" 1 
HETATM 90  H "H22'" . C4S A 1 3  ? -1.490  4.388   8.043   1.00 0.00 ? 3  C4S A "H22'" 1 
HETATM 91  H "H3'"  . C4S A 1 3  ? -2.197  2.265   8.802   1.00 0.00 ? 3  C4S A "H3'"  1 
HETATM 92  P P      . S4G A 1 4  ? -4.556  4.872   9.051   1.00 0.00 ? 4  S4G A P      1 
HETATM 93  O O1P    . S4G A 1 4  ? -4.246  5.245   10.455  1.00 0.00 ? 4  S4G A O1P    1 
HETATM 94  O O2P    . S4G A 1 4  ? -5.972  4.799   8.609   1.00 0.00 ? 4  S4G A O2P    1 
HETATM 95  O "O5'"  . S4G A 1 4  ? -3.789  5.884   8.089   1.00 0.00 ? 4  S4G A "O5'"  1 
HETATM 96  N N9     . S4G A 1 4  ? 0.481   6.077   4.714   1.00 0.00 ? 4  S4G A N9     1 
HETATM 97  C C4     . S4G A 1 4  ? 1.586   6.040   3.892   1.00 0.00 ? 4  S4G A C4     1 
HETATM 98  N N3     . S4G A 1 4  ? 2.056   7.061   3.143   1.00 0.00 ? 4  S4G A N3     1 
HETATM 99  C C2     . S4G A 1 4  ? 3.147   6.719   2.469   1.00 0.00 ? 4  S4G A C2     1 
HETATM 100 N N2     . S4G A 1 4  ? 3.741   7.613   1.667   1.00 0.00 ? 4  S4G A N2     1 
HETATM 101 N N1     . S4G A 1 4  ? 3.731   5.475   2.530   1.00 0.00 ? 4  S4G A N1     1 
HETATM 102 C C6     . S4G A 1 4  ? 3.247   4.406   3.284   1.00 0.00 ? 4  S4G A C6     1 
HETATM 103 O O6     . S4G A 1 4  ? 3.826   3.319   3.257   1.00 0.00 ? 4  S4G A O6     1 
HETATM 104 C C5     . S4G A 1 4  ? 2.087   4.762   4.011   1.00 0.00 ? 4  S4G A C5     1 
HETATM 105 N N7     . S4G A 1 4  ? 1.313   4.008   4.883   1.00 0.00 ? 4  S4G A N7     1 
HETATM 106 C C8     . S4G A 1 4  ? 0.378   4.827   5.274   1.00 0.00 ? 4  S4G A C8     1 
HETATM 107 C "C2'"  . S4G A 1 4  ? -1.573  7.344   3.993   1.00 0.00 ? 4  S4G A "C2'"  1 
HETATM 108 C "C5'"  . S4G A 1 4  ? -3.704  5.636   6.685   1.00 0.00 ? 4  S4G A "C5'"  1 
HETATM 109 C "C4'"  . S4G A 1 4  ? -2.936  6.750   6.012   1.00 0.00 ? 4  S4G A "C4'"  1 
HETATM 110 S "S4'"  . S4G A 1 4  ? -1.201  7.017   6.586   1.00 0.00 ? 4  S4G A "S4'"  1 
HETATM 111 C "C1'"  . S4G A 1 4  ? -0.396  7.220   4.952   1.00 0.00 ? 4  S4G A "C1'"  1 
HETATM 112 C "C3'"  . S4G A 1 4  ? -2.712  6.496   4.523   1.00 0.00 ? 4  S4G A "C3'"  1 
HETATM 113 O "O3'"  . S4G A 1 4  ? -3.810  6.756   3.640   1.00 0.00 ? 4  S4G A "O3'"  1 
HETATM 114 H "H15'" . S4G A 1 4  ? -3.195  4.688   6.516   1.00 0.00 ? 4  S4G A "H15'" 1 
HETATM 115 H "H25'" . S4G A 1 4  ? -4.708  5.584   6.266   1.00 0.00 ? 4  S4G A "H25'" 1 
HETATM 116 H "H4'"  . S4G A 1 4  ? -3.493  7.680   6.131   1.00 0.00 ? 4  S4G A "H4'"  1 
HETATM 117 H "H1'"  . S4G A 1 4  ? 0.184   8.144   4.941   1.00 0.00 ? 4  S4G A "H1'"  1 
HETATM 118 H H1N2   . S4G A 1 4  ? 3.358   8.543   1.577   1.00 0.00 ? 4  S4G A H1N2   1 
HETATM 119 H H2N2   . S4G A 1 4  ? 4.570   7.356   1.151   1.00 0.00 ? 4  S4G A H2N2   1 
HETATM 120 H HN1    . S4G A 1 4  ? 4.587   5.323   1.994   1.00 0.00 ? 4  S4G A HN1    1 
HETATM 121 H H8     . S4G A 1 4  ? -0.392  4.550   5.976   1.00 0.00 ? 4  S4G A H8     1 
HETATM 122 H "H12'" . S4G A 1 4  ? -1.889  8.380   3.904   1.00 0.00 ? 4  S4G A "H12'" 1 
HETATM 123 H "H22'" . S4G A 1 4  ? -1.286  6.999   2.998   1.00 0.00 ? 4  S4G A "H22'" 1 
HETATM 124 H "H3'"  . S4G A 1 4  ? -2.427  5.450   4.406   1.00 0.00 ? 4  S4G A "H3'"  1 
HETATM 125 P P      . S4A A 1 5  ? -4.104  5.761   2.411   1.00 0.00 ? 5  S4A A P      1 
HETATM 126 O O1P    . S4A A 1 5  ? -3.652  4.402   2.803   1.00 0.00 ? 5  S4A A O1P    1 
HETATM 127 O O2P    . S4A A 1 5  ? -5.507  5.968   1.976   1.00 0.00 ? 5  S4A A O2P    1 
HETATM 128 O "O5'"  . S4A A 1 5  ? -3.143  6.288   1.254   1.00 0.00 ? 5  S4A A "O5'"  1 
HETATM 129 N N9     . S4A A 1 5  ? 1.080   6.102   0.531   1.00 0.00 ? 5  S4A A N9     1 
HETATM 130 C C4     . S4A A 1 5  ? 2.152   5.477   -0.052  1.00 0.00 ? 5  S4A A C4     1 
HETATM 131 N N3     . S4A A 1 5  ? 3.013   6.003   -0.939  1.00 0.00 ? 5  S4A A N3     1 
HETATM 132 C C2     . S4A A 1 5  ? 3.934   5.111   -1.282  1.00 0.00 ? 5  S4A A C2     1 
HETATM 133 N N1     . S4A A 1 5  ? 4.091   3.848   -0.853  1.00 0.00 ? 5  S4A A N1     1 
HETATM 134 C C6     . S4A A 1 5  ? 3.206   3.355   0.044   1.00 0.00 ? 5  S4A A C6     1 
HETATM 135 N N6     . S4A A 1 5  ? 3.367   2.107   0.486   1.00 0.00 ? 5  S4A A N6     1 
HETATM 136 C C5     . S4A A 1 5  ? 2.172   4.198   0.470   1.00 0.00 ? 5  S4A A C5     1 
HETATM 137 N N7     . S4A A 1 5  ? 1.114   4.010   1.348   1.00 0.00 ? 5  S4A A N7     1 
HETATM 138 C C8     . S4A A 1 5  ? 0.490   5.161   1.336   1.00 0.00 ? 5  S4A A C8     1 
HETATM 139 C "C2'"  . S4A A 1 5  ? 0.097   7.814   -1.025  1.00 0.00 ? 5  S4A A "C2'"  1 
HETATM 140 C "C5'"  . S4A A 1 5  ? -3.335  7.576   0.673   1.00 0.00 ? 5  S4A A "C5'"  1 
HETATM 141 C "C4'"  . S4A A 1 5  ? -1.999  8.174   0.302   1.00 0.00 ? 5  S4A A "C4'"  1 
HETATM 142 S "S4'"  . S4A A 1 5  ? -0.628  7.931   1.514   1.00 0.00 ? 5  S4A A "S4'"  1 
HETATM 143 C "C1'"  . S4A A 1 5  ? 0.705   7.498   0.335   1.00 0.00 ? 5  S4A A "C1'"  1 
HETATM 144 C "C3'"  . S4A A 1 5  ? -1.393  7.541   -0.949  1.00 0.00 ? 5  S4A A "C3'"  1 
HETATM 145 O "O3'"  . S4A A 1 5  ? -1.909  7.959   -2.218  1.00 0.00 ? 5  S4A A "O3'"  1 
HETATM 146 H "H15'" . S4A A 1 5  ? -3.835  8.227   1.392   1.00 0.00 ? 5  S4A A "H15'" 1 
HETATM 147 H "H25'" . S4A A 1 5  ? -3.955  7.483   -0.219  1.00 0.00 ? 5  S4A A "H25'" 1 
HETATM 148 H "H4'"  . S4A A 1 5  ? -2.129  9.242   0.127   1.00 0.00 ? 5  S4A A "H4'"  1 
HETATM 149 H "H1'"  . S4A A 1 5  ? 1.576   8.137   0.508   1.00 0.00 ? 5  S4A A "H1'"  1 
HETATM 150 H H2     . S4A A 1 5  ? 4.656   5.447   -2.030  1.00 0.00 ? 5  S4A A H2     1 
HETATM 151 H H1N6   . S4A A 1 5  ? 4.140   1.561   0.141   1.00 0.00 ? 5  S4A A H1N6   1 
HETATM 152 H H2N6   . S4A A 1 5  ? 2.745   1.694   1.162   1.00 0.00 ? 5  S4A A H2N6   1 
HETATM 153 H H8     . S4A A 1 5  ? -0.414  5.347   1.895   1.00 0.00 ? 5  S4A A H8     1 
HETATM 154 H "H12'" . S4A A 1 5  ? 0.274   8.849   -1.299  1.00 0.00 ? 5  S4A A "H12'" 1 
HETATM 155 H "H22'" . S4A A 1 5  ? 0.548   7.184   -1.794  1.00 0.00 ? 5  S4A A "H22'" 1 
HETATM 156 H "H3'"  . S4A A 1 5  ? -1.527  6.461   -0.870  1.00 0.00 ? 5  S4A A "H3'"  1 
HETATM 157 P P      . S4A A 1 6  ? -1.767  6.994   -3.498  1.00 0.00 ? 6  S4A A P      1 
HETATM 158 O O1P    . S4A A 1 6  ? -3.056  7.047   -4.235  1.00 0.00 ? 6  S4A A O1P    1 
HETATM 159 O O2P    . S4A A 1 6  ? -1.235  5.683   -3.048  1.00 0.00 ? 6  S4A A O2P    1 
HETATM 160 O "O5'"  . S4A A 1 6  ? -0.658  7.704   -4.396  1.00 0.00 ? 6  S4A A "O5'"  1 
HETATM 161 N N9     . S4A A 1 6  ? 2.886   5.070   -4.310  1.00 0.00 ? 6  S4A A N9     1 
HETATM 162 C C4     . S4A A 1 6  ? 3.637   3.933   -4.157  1.00 0.00 ? 6  S4A A C4     1 
HETATM 163 N N3     . S4A A 1 6  ? 4.740   3.588   -4.842  1.00 0.00 ? 6  S4A A N3     1 
HETATM 164 C C2     . S4A A 1 6  ? 5.194   2.409   -4.430  1.00 0.00 ? 6  S4A A C2     1 
HETATM 165 N N1     . S4A A 1 6  ? 4.703   1.599   -3.487  1.00 0.00 ? 6  S4A A N1     1 
HETATM 166 C C6     . S4A A 1 6  ? 3.593   1.984   -2.820  1.00 0.00 ? 6  S4A A C6     1 
HETATM 167 N N6     . S4A A 1 6  ? 3.111   1.187   -1.876  1.00 0.00 ? 6  S4A A N6     1 
HETATM 168 C C5     . S4A A 1 6  ? 3.021   3.210   -3.158  1.00 0.00 ? 6  S4A A C5     1 
HETATM 169 N N7     . S4A A 1 6  ? 1.904   3.881   -2.680  1.00 0.00 ? 6  S4A A N7     1 
HETATM 170 C C8     . S4A A 1 6  ? 1.869   4.976   -3.396  1.00 0.00 ? 6  S4A A C8     1 
HETATM 171 C "C2'"  . S4A A 1 6  ? 2.721   5.759   -6.689  1.00 0.00 ? 6  S4A A "C2'"  1 
HETATM 172 C "C5'"  . S4A A 1 6  ? -0.596  7.480   -5.806  1.00 0.00 ? 6  S4A A "C5'"  1 
HETATM 173 C "C4'"  . S4A A 1 6  ? 0.849   7.375   -6.241  1.00 0.00 ? 6  S4A A "C4'"  1 
HETATM 174 S "S4'"  . S4A A 1 6  ? 2.098   7.578   -4.893  1.00 0.00 ? 6  S4A A "S4'"  1 
HETATM 175 C "C1'"  . S4A A 1 6  ? 3.144   6.128   -5.279  1.00 0.00 ? 6  S4A A "C1'"  1 
HETATM 176 C "C3'"  . S4A A 1 6  ? 1.225   5.996   -6.787  1.00 0.00 ? 6  S4A A "C3'"  1 
HETATM 177 O "O3'"  . S4A A 1 6  ? 0.853   5.687   -8.142  1.00 0.00 ? 6  S4A A "O3'"  1 
HETATM 178 H "H15'" . S4A A 1 6  ? -1.072  8.312   -6.325  1.00 0.00 ? 6  S4A A "H15'" 1 
HETATM 179 H "H25'" . S4A A 1 6  ? -1.123  6.557   -6.050  1.00 0.00 ? 6  S4A A "H25'" 1 
HETATM 180 H "H4'"  . S4A A 1 6  ? 1.041   8.122   -7.010  1.00 0.00 ? 6  S4A A "H4'"  1 
HETATM 181 H "H1'"  . S4A A 1 6  ? 4.199   6.407   -5.259  1.00 0.00 ? 6  S4A A "H1'"  1 
HETATM 182 H H2     . S4A A 1 6  ? 6.095   2.053   -4.931  1.00 0.00 ? 6  S4A A H2     1 
HETATM 183 H H1N6   . S4A A 1 6  ? 3.533   0.285   -1.768  1.00 0.00 ? 6  S4A A H1N6   1 
HETATM 184 H H2N6   . S4A A 1 6  ? 2.305   1.409   -1.329  1.00 0.00 ? 6  S4A A H2N6   1 
HETATM 185 H H8     . S4A A 1 6  ? 1.107   5.731   -3.284  1.00 0.00 ? 6  S4A A H8     1 
HETATM 186 H "H12'" . S4A A 1 6  ? 3.248   6.350   -7.424  1.00 0.00 ? 6  S4A A "H12'" 1 
HETATM 187 H "H22'" . S4A A 1 6  ? 2.942   4.709   -6.885  1.00 0.00 ? 6  S4A A "H22'" 1 
HETATM 188 H "H3'"  . S4A A 1 6  ? 0.745   5.257   -6.143  1.00 0.00 ? 6  S4A A "H3'"  1 
HETATM 189 P P      . T49 A 1 7  ? 1.737   6.234   -9.371  1.00 0.00 ? 7  T49 A P      1 
HETATM 190 O O1P    . T49 A 1 7  ? 2.248   7.579   -9.001  1.00 0.00 ? 7  T49 A O1P    1 
HETATM 191 O O2P    . T49 A 1 7  ? 0.940   6.070   -10.613 1.00 0.00 ? 7  T49 A O2P    1 
HETATM 192 O "O5'"  . T49 A 1 7  ? 2.969   5.224   -9.439  1.00 0.00 ? 7  T49 A "O5'"  1 
HETATM 193 C "C5'"  . T49 A 1 7  ? 2.812   3.909   -9.976  1.00 0.00 ? 7  T49 A "C5'"  1 
HETATM 194 C "C4'"  . T49 A 1 7  ? 4.117   3.153   -9.876  1.00 0.00 ? 7  T49 A "C4'"  1 
HETATM 195 C "C3'"  . T49 A 1 7  ? 3.944   1.635   -9.978  1.00 0.00 ? 7  T49 A "C3'"  1 
HETATM 196 O "O3'"  . T49 A 1 7  ? 3.838   1.061   -11.285 1.00 0.00 ? 7  T49 A "O3'"  1 
HETATM 197 C "C2'"  . T49 A 1 7  ? 5.114   0.903   -9.350  1.00 0.00 ? 7  T49 A "C2'"  1 
HETATM 198 C "C1'"  . T49 A 1 7  ? 5.398   1.533   -7.999  1.00 0.00 ? 7  T49 A "C1'"  1 
HETATM 199 N N1     . T49 A 1 7  ? 4.560   1.018   -6.909  1.00 0.00 ? 7  T49 A N1     1 
HETATM 200 C C2     . T49 A 1 7  ? 4.941   -0.148  -6.285  1.00 0.00 ? 7  T49 A C2     1 
HETATM 201 O O2     . T49 A 1 7  ? 5.958   -0.758  -6.572  1.00 0.00 ? 7  T49 A O2     1 
HETATM 202 N N3     . T49 A 1 7  ? 4.082   -0.574  -5.308  1.00 0.00 ? 7  T49 A N3     1 
HETATM 203 C C4     . T49 A 1 7  ? 2.912   0.040   -4.911  1.00 0.00 ? 7  T49 A C4     1 
HETATM 204 O O4     . T49 A 1 7  ? 2.184   -0.493  -4.095  1.00 0.00 ? 7  T49 A O4     1 
HETATM 205 C C5     . T49 A 1 7  ? 2.583   1.252   -5.597  1.00 0.00 ? 7  T49 A C5     1 
HETATM 206 C C5M    . T49 A 1 7  ? 1.238   1.849   -5.354  1.00 0.00 ? 7  T49 A C5M    1 
HETATM 207 C C6     . T49 A 1 7  ? 3.416   1.691   -6.545  1.00 0.00 ? 7  T49 A C6     1 
HETATM 208 S S      . T49 A 1 7  ? 5.017   3.303   -8.269  1.00 0.00 ? 7  T49 A S      1 
HETATM 209 H "H5'1" . T49 A 1 7  ? 2.514   3.979   -11.022 1.00 0.00 ? 7  T49 A "H5'1" 1 
HETATM 210 H "H5'2" . T49 A 1 7  ? 2.039   3.382   -9.417  1.00 0.00 ? 7  T49 A "H5'2" 1 
HETATM 211 H "H4'"  . T49 A 1 7  ? 4.776   3.485   -10.678 1.00 0.00 ? 7  T49 A "H4'"  1 
HETATM 212 H "H3'"  . T49 A 1 7  ? 3.047   1.364   -9.423  1.00 0.00 ? 7  T49 A "H3'"  1 
HETATM 213 H "H2'1" . T49 A 1 7  ? 4.861   -0.152  -9.227  1.00 0.00 ? 7  T49 A "H2'1" 1 
HETATM 214 H "H2'2" . T49 A 1 7  ? 5.978   0.957   -9.999  1.00 0.00 ? 7  T49 A "H2'2" 1 
HETATM 215 H "H1'"  . T49 A 1 7  ? 6.450   1.410   -7.750  1.00 0.00 ? 7  T49 A "H1'"  1 
HETATM 216 H H3     . T49 A 1 7  ? 4.322   -1.445  -4.848  1.00 0.00 ? 7  T49 A H3     1 
HETATM 217 H H5M1   . T49 A 1 7  ? 1.325   2.673   -4.648  1.00 0.00 ? 7  T49 A H5M1   1 
HETATM 218 H H5M2   . T49 A 1 7  ? 0.581   1.079   -4.941  1.00 0.00 ? 7  T49 A H5M2   1 
HETATM 219 H H5M3   . T49 A 1 7  ? 0.829   2.216   -6.294  1.00 0.00 ? 7  T49 A H5M3   1 
HETATM 220 H H6     . T49 A 1 7  ? 3.177   2.621   -7.053  1.00 0.00 ? 7  T49 A H6     1 
HETATM 221 P P      . T49 A 1 8  ? 3.375   -0.471  -11.450 1.00 0.00 ? 8  T49 A P      1 
HETATM 222 O O1P    . T49 A 1 8  ? 2.027   -0.592  -10.839 1.00 0.00 ? 8  T49 A O1P    1 
HETATM 223 O O2P    . T49 A 1 8  ? 3.575   -0.865  -12.868 1.00 0.00 ? 8  T49 A O2P    1 
HETATM 224 O "O5'"  . T49 A 1 8  ? 4.400   -1.295  -10.548 1.00 0.00 ? 8  T49 A "O5'"  1 
HETATM 225 C "C5'"  . T49 A 1 8  ? 5.541   -1.935  -11.124 1.00 0.00 ? 8  T49 A "C5'"  1 
HETATM 226 C "C4'"  . T49 A 1 8  ? 5.950   -3.118  -10.276 1.00 0.00 ? 8  T49 A "C4'"  1 
HETATM 227 C "C3'"  . T49 A 1 8  ? 4.849   -4.169  -10.148 1.00 0.00 ? 8  T49 A "C3'"  1 
HETATM 228 O "O3'"  . T49 A 1 8  ? 4.689   -5.095  -11.230 1.00 0.00 ? 8  T49 A "O3'"  1 
HETATM 229 C "C2'"  . T49 A 1 8  ? 5.062   -5.046  -8.929  1.00 0.00 ? 8  T49 A "C2'"  1 
HETATM 230 C "C1'"  . T49 A 1 8  ? 5.387   -4.153  -7.744  1.00 0.00 ? 8  T49 A "C1'"  1 
HETATM 231 N N1     . T49 A 1 8  ? 4.203   -3.618  -7.055  1.00 0.00 ? 8  T49 A N1     1 
HETATM 232 C C2     . T49 A 1 8  ? 3.748   -4.235  -5.909  1.00 0.00 ? 8  T49 A C2     1 
HETATM 233 O O2     . T49 A 1 8  ? 4.278   -5.221  -5.425  1.00 0.00 ? 8  T49 A O2     1 
HETATM 234 N N3     . T49 A 1 8  ? 2.638   -3.647  -5.353  1.00 0.00 ? 8  T49 A N3     1 
HETATM 235 C C4     . T49 A 1 8  ? 1.961   -2.552  -5.825  1.00 0.00 ? 8  T49 A C4     1 
HETATM 236 O O4     . T49 A 1 8  ? 0.942   -2.174  -5.272  1.00 0.00 ? 8  T49 A O4     1 
HETATM 237 C C5     . T49 A 1 8  ? 2.489   -1.968  -7.014  1.00 0.00 ? 8  T49 A C5     1 
HETATM 238 C C5M    . T49 A 1 8  ? 1.800   -0.777  -7.577  1.00 0.00 ? 8  T49 A C5M    1 
HETATM 239 C C6     . T49 A 1 8  ? 3.570   -2.514  -7.572  1.00 0.00 ? 8  T49 A C6     1 
HETATM 240 S S      . T49 A 1 8  ? 6.316   -2.766  -8.500  1.00 0.00 ? 8  T49 A S      1 
HETATM 241 H "H5'1" . T49 A 1 8  ? 6.365   -1.224  -11.176 1.00 0.00 ? 8  T49 A "H5'1" 1 
HETATM 242 H "H5'2" . T49 A 1 8  ? 5.296   -2.275  -12.130 1.00 0.00 ? 8  T49 A "H5'2" 1 
HETATM 243 H "H4'"  . T49 A 1 8  ? 6.827   -3.584  -10.729 1.00 0.00 ? 8  T49 A "H4'"  1 
HETATM 244 H "H3'"  . T49 A 1 8  ? 3.902   -3.645  -10.018 1.00 0.00 ? 8  T49 A "H3'"  1 
HETATM 245 H "H2'1" . T49 A 1 8  ? 4.151   -5.614  -8.729  1.00 0.00 ? 8  T49 A "H2'1" 1 
HETATM 246 H "H2'2" . T49 A 1 8  ? 5.860   -5.758  -9.113  1.00 0.00 ? 8  T49 A "H2'2" 1 
HETATM 247 H "H1'"  . T49 A 1 8  ? 6.024   -4.686  -7.037  1.00 0.00 ? 8  T49 A "H1'"  1 
HETATM 248 H H3     . T49 A 1 8  ? 2.250   -3.999  -4.493  1.00 0.00 ? 8  T49 A H3     1 
HETATM 249 H H5M1   . T49 A 1 8  ? 2.523   0.019   -7.727  1.00 0.00 ? 8  T49 A H5M1   1 
HETATM 250 H H5M2   . T49 A 1 8  ? 1.027   -0.452  -6.876  1.00 0.00 ? 8  T49 A H5M2   1 
HETATM 251 H H5M3   . T49 A 1 8  ? 1.345   -1.039  -8.528  1.00 0.00 ? 8  T49 A H5M3   1 
HETATM 252 H H6     . T49 A 1 8  ? 3.967   -2.065  -8.479  1.00 0.00 ? 8  T49 A H6     1 
HETATM 253 P P      . C4S A 1 9  ? 3.226   -5.654  -11.592 1.00 0.00 ? 9  C4S A P      1 
HETATM 254 O O1P    . C4S A 1 9  ? 3.360   -6.489  -12.813 1.00 0.00 ? 9  C4S A O1P    1 
HETATM 255 O O2P    . C4S A 1 9  ? 2.275   -4.514  -11.584 1.00 0.00 ? 9  C4S A O2P    1 
HETATM 256 O "O5'"  . C4S A 1 9  ? 2.866   -6.614  -10.373 1.00 0.00 ? 9  C4S A "O5'"  1 
HETATM 257 N N1     . C4S A 1 9  ? 1.148   -6.605  -6.292  1.00 0.00 ? 9  C4S A N1     1 
HETATM 258 C C6     . C4S A 1 9  ? 1.229   -5.629  -7.239  1.00 0.00 ? 9  C4S A C6     1 
HETATM 259 C C2     . C4S A 1 9  ? 0.300   -6.462  -5.201  1.00 0.00 ? 9  C4S A C2     1 
HETATM 260 O O2     . C4S A 1 9  ? 0.255   -7.367  -4.357  1.00 0.00 ? 9  C4S A O2     1 
HETATM 261 N N3     . C4S A 1 9  ? -0.452  -5.343  -5.096  1.00 0.00 ? 9  C4S A N3     1 
HETATM 262 C C4     . C4S A 1 9  ? -0.370  -4.397  -6.035  1.00 0.00 ? 9  C4S A C4     1 
HETATM 263 N N4     . C4S A 1 9  ? -1.128  -3.312  -5.910  1.00 0.00 ? 9  C4S A N4     1 
HETATM 264 C C5     . C4S A 1 9  ? 0.491   -4.522  -7.149  1.00 0.00 ? 9  C4S A C5     1 
HETATM 265 C "C2'"  . C4S A 1 9  ? 1.260   -8.868  -7.299  1.00 0.00 ? 9  C4S A "C2'"  1 
HETATM 266 C "C5'"  . C4S A 1 9  ? 3.626   -7.795  -10.120 1.00 0.00 ? 9  C4S A "C5'"  1 
HETATM 267 C "C4'"  . C4S A 1 9  ? 3.176   -8.428  -8.828  1.00 0.00 ? 9  C4S A "C4'"  1 
HETATM 268 S "S4'"  . C4S A 1 9  ? 3.503   -7.455  -7.297  1.00 0.00 ? 9  C4S A "S4'"  1 
HETATM 269 C "C1'"  . C4S A 1 9  ? 1.939   -7.831  -6.422  1.00 0.00 ? 9  C4S A "C1'"  1 
HETATM 270 C "C3'"  . C4S A 1 9  ? 1.664   -8.598  -8.733  1.00 0.00 ? 9  C4S A "C3'"  1 
HETATM 271 O "O3'"  . C4S A 1 9  ? 1.058   -9.608  -9.562  1.00 0.00 ? 9  C4S A "O3'"  1 
HETATM 272 H "H15'" . C4S A 1 9  ? 4.681   -7.538  -10.045 1.00 0.00 ? 9  C4S A "H15'" 1 
HETATM 273 H "H25'" . C4S A 1 9  ? 3.483   -8.501  -10.936 1.00 0.00 ? 9  C4S A "H25'" 1 
HETATM 274 H "H4'"  . C4S A 1 9  ? 3.650   -9.405  -8.730  1.00 0.00 ? 9  C4S A "H4'"  1 
HETATM 275 H "H1'"  . C4S A 1 9  ? 2.155   -8.248  -5.446  1.00 0.00 ? 9  C4S A "H1'"  1 
HETATM 276 H H6     . C4S A 1 9  ? 1.903   -5.758  -8.082  1.00 0.00 ? 9  C4S A H6     1 
HETATM 277 H H1N4   . C4S A 1 9  ? -1.086  -2.583  -6.607  1.00 0.00 ? 9  C4S A H1N4   1 
HETATM 278 H H2N4   . C4S A 1 9  ? -1.741  -3.218  -5.121  1.00 0.00 ? 9  C4S A H2N4   1 
HETATM 279 H H5     . C4S A 1 9  ? 0.547   -3.743  -7.898  1.00 0.00 ? 9  C4S A H5     1 
HETATM 280 H "H12'" . C4S A 1 9  ? 1.550   -9.866  -7.000  1.00 0.00 ? 9  C4S A "H12'" 1 
HETATM 281 H "H22'" . C4S A 1 9  ? 0.177   -8.787  -7.203  1.00 0.00 ? 9  C4S A "H22'" 1 
HETATM 282 H "H3'"  . C4S A 1 9  ? 1.216   -7.639  -9.005  1.00 0.00 ? 9  C4S A "H3'"  1 
HETATM 283 P P      . S4G A 1 10 ? 0.643   -11.036 -8.942  1.00 0.00 ? 10 S4G A P      1 
HETATM 284 O O1P    . S4G A 1 10 ? 1.840   -11.609 -8.275  1.00 0.00 ? 10 S4G A O1P    1 
HETATM 285 O O2P    . S4G A 1 10 ? -0.042  -11.812 -10.007 1.00 0.00 ? 10 S4G A O2P    1 
HETATM 286 O "O5'"  . S4G A 1 10 ? -0.437  -10.672 -7.828  1.00 0.00 ? 10 S4G A "O5'"  1 
HETATM 287 N N9     . S4G A 1 10 ? -3.467  -7.446  -5.392  1.00 0.00 ? 10 S4G A N9     1 
HETATM 288 C C4     . S4G A 1 10 ? -4.456  -6.605  -4.954  1.00 0.00 ? 10 S4G A C4     1 
HETATM 289 N N3     . S4G A 1 10 ? -5.371  -6.892  -4.006  1.00 0.00 ? 10 S4G A N3     1 
HETATM 290 C C2     . S4G A 1 10 ? -6.193  -5.882  -3.790  1.00 0.00 ? 10 S4G A C2     1 
HETATM 291 N N2     . S4G A 1 10 ? -7.152  -6.002  -2.866  1.00 0.00 ? 10 S4G A N2     1 
HETATM 292 N N1     . S4G A 1 10 ? -6.132  -4.682  -4.458  1.00 0.00 ? 10 S4G A N1     1 
HETATM 293 C C6     . S4G A 1 10 ? -5.197  -4.371  -5.448  1.00 0.00 ? 10 S4G A C6     1 
HETATM 294 O O6     . S4G A 1 10 ? -5.224  -3.270  -5.999  1.00 0.00 ? 10 S4G A O6     1 
HETATM 295 C C5     . S4G A 1 10 ? -4.301  -5.448  -5.681  1.00 0.00 ? 10 S4G A C5     1 
HETATM 296 N N7     . S4G A 1 10 ? -3.229  -5.558  -6.559  1.00 0.00 ? 10 S4G A N7     1 
HETATM 297 C C8     . S4G A 1 10 ? -2.766  -6.761  -6.349  1.00 0.00 ? 10 S4G A C8     1 
HETATM 298 C "C2'"  . S4G A 1 10 ? -3.956  -9.854  -5.767  1.00 0.00 ? 10 S4G A "C2'"  1 
HETATM 299 C "C5'"  . S4G A 1 10 ? -0.561  -11.452 -6.639  1.00 0.00 ? 10 S4G A "C5'"  1 
HETATM 300 C "C4'"  . S4G A 1 10 ? -1.676  -10.903 -5.784  1.00 0.00 ? 10 S4G A "C4'"  1 
HETATM 301 S "S4'"  . S4G A 1 10 ? -1.446  -9.202  -5.122  1.00 0.00 ? 10 S4G A "S4'"  1 
HETATM 302 C "C1'"  . S4G A 1 10 ? -3.226  -8.804  -4.931  1.00 0.00 ? 10 S4G A "C1'"  1 
HETATM 303 C "C3'"  . S4G A 1 10 ? -2.971  -10.698 -6.558  1.00 0.00 ? 10 S4G A "C3'"  1 
HETATM 304 O "O3'"  . S4G A 1 10 ? -3.702  -11.867 -6.964  1.00 0.00 ? 10 S4G A "O3'"  1 
HETATM 305 H "H15'" . S4G A 1 10 ? -0.781  -12.484 -6.906  1.00 0.00 ? 10 S4G A "H15'" 1 
HETATM 306 H "H25'" . S4G A 1 10 ? 0.374   -11.415 -6.081  1.00 0.00 ? 10 S4G A "H25'" 1 
HETATM 307 H "H4'"  . S4G A 1 10 ? -1.857  -11.583 -4.953  1.00 0.00 ? 10 S4G A "H4'"  1 
HETATM 308 H "H1'"  . S4G A 1 10 ? -3.515  -8.898  -3.884  1.00 0.00 ? 10 S4G A "H1'"  1 
HETATM 309 H H1N2   . S4G A 1 10 ? -7.242  -6.860  -2.342  1.00 0.00 ? 10 S4G A H1N2   1 
HETATM 310 H H2N2   . S4G A 1 10 ? -7.781  -5.235  -2.688  1.00 0.00 ? 10 S4G A H2N2   1 
HETATM 311 H HN1    . S4G A 1 10 ? -6.831  -3.984  -4.187  1.00 0.00 ? 10 S4G A HN1    1 
HETATM 312 H H8     . S4G A 1 10 ? -1.916  -7.180  -6.876  1.00 0.00 ? 10 S4G A H8     1 
HETATM 313 H "H12'" . S4G A 1 10 ? -4.528  -10.468 -5.087  1.00 0.00 ? 10 S4G A "H12'" 1 
HETATM 314 H "H22'" . S4G A 1 10 ? -4.655  -9.368  -6.449  1.00 0.00 ? 10 S4G A "H22'" 1 
HETATM 315 H "H3'"  . S4G A 1 10 ? -2.720  -10.139 -7.461  1.00 0.00 ? 10 S4G A "H3'"  1 
HETATM 316 P P      . C4S A 1 11 ? -4.298  -12.872 -5.857  1.00 0.00 ? 11 C4S A P      1 
HETATM 317 O O1P    . C4S A 1 11 ? -5.045  -13.927 -6.590  1.00 0.00 ? 11 C4S A O1P    1 
HETATM 318 O O2P    . C4S A 1 11 ? -3.216  -13.262 -4.919  1.00 0.00 ? 11 C4S A O2P    1 
HETATM 319 O "O5'"  . C4S A 1 11 ? -5.360  -11.991 -5.061  1.00 0.00 ? 11 C4S A "O5'"  1 
HETATM 320 N N1     . C4S A 1 11 ? -8.087  -7.237  -5.249  1.00 0.00 ? 11 C4S A N1     1 
HETATM 321 C C6     . C4S A 1 11 ? -7.166  -7.283  -6.251  1.00 0.00 ? 11 C4S A C6     1 
HETATM 322 C C2     . C4S A 1 11 ? -8.944  -6.148  -5.125  1.00 0.00 ? 11 C4S A C2     1 
HETATM 323 O O2     . C4S A 1 11 ? -9.769  -6.138  -4.200  1.00 0.00 ? 11 C4S A O2     1 
HETATM 324 N N3     . C4S A 1 11 ? -8.854  -5.136  -6.013  1.00 0.00 ? 11 C4S A N3     1 
HETATM 325 C C4     . C4S A 1 11 ? -7.950  -5.191  -6.991  1.00 0.00 ? 11 C4S A C4     1 
HETATM 326 N N4     . C4S A 1 11 ? -7.900  -4.172  -7.844  1.00 0.00 ? 11 C4S A N4     1 
HETATM 327 C C5     . C4S A 1 11 ? -7.060  -6.290  -7.133  1.00 0.00 ? 11 C4S A C5     1 
HETATM 328 C "C2'"  . C4S A 1 11 ? -9.340  -9.294  -4.614  1.00 0.00 ? 11 C4S A "C2'"  1 
HETATM 329 C "C5'"  . C4S A 1 11 ? -6.744  -12.027 -5.407  1.00 0.00 ? 11 C4S A "C5'"  1 
HETATM 330 C "C4'"  . C4S A 1 11 ? -7.503  -10.998 -4.601  1.00 0.00 ? 11 C4S A "C4'"  1 
HETATM 331 S "S4'"  . C4S A 1 11 ? -6.685  -9.364  -4.360  1.00 0.00 ? 11 C4S A "S4'"  1 
HETATM 332 C "C1'"  . C4S A 1 11 ? -8.200  -8.332  -4.287  1.00 0.00 ? 11 C4S A "C1'"  1 
HETATM 333 C "C3'"  . C4S A 1 11 ? -8.795  -10.549 -5.274  1.00 0.00 ? 11 C4S A "C3'"  1 
HETATM 334 O "O3'"  . C4S A 1 11 ? -9.874  -11.503 -5.341  1.00 0.00 ? 11 C4S A "O3'"  1 
HETATM 335 H "H15'" . C4S A 1 11 ? -7.144  -13.019 -5.197  1.00 0.00 ? 11 C4S A "H15'" 1 
HETATM 336 H "H25'" . C4S A 1 11 ? -6.855  -11.814 -6.471  1.00 0.00 ? 11 C4S A "H25'" 1 
HETATM 337 H "H4'"  . C4S A 1 11 ? -7.742  -11.420 -3.625  1.00 0.00 ? 11 C4S A "H4'"  1 
HETATM 338 H "H1'"  . C4S A 1 11 ? -8.328  -7.925  -3.282  1.00 0.00 ? 11 C4S A "H1'"  1 
HETATM 339 H H6     . C4S A 1 11 ? -6.511  -8.147  -6.337  1.00 0.00 ? 11 C4S A H6     1 
HETATM 340 H H1N4   . C4S A 1 11 ? -7.234  -4.159  -8.603  1.00 0.00 ? 11 C4S A H1N4   1 
HETATM 341 H H2N4   . C4S A 1 11 ? -8.574  -3.433  -7.727  1.00 0.00 ? 11 C4S A H2N4   1 
HETATM 342 H H5     . C4S A 1 11 ? -6.325  -6.321  -7.927  1.00 0.00 ? 11 C4S A H5     1 
HETATM 343 H "H12'" . C4S A 1 11 ? -9.838  -9.537  -3.685  1.00 0.00 ? 11 C4S A "H12'" 1 
HETATM 344 H "H22'" . C4S A 1 11 ? -10.063 -8.808  -5.272  1.00 0.00 ? 11 C4S A "H22'" 1 
HETATM 345 H "H3'"  . C4S A 1 11 ? -8.540  -10.280 -6.300  1.00 0.00 ? 11 C4S A "H3'"  1 
HETATM 346 P P      . S4G A 1 12 ? -11.010 -11.532 -4.199  1.00 0.00 ? 12 S4G A P      1 
HETATM 347 O O1P    . S4G A 1 12 ? -10.330 -11.507 -2.879  1.00 0.00 ? 12 S4G A O1P    1 
HETATM 348 O O2P    . S4G A 1 12 ? -11.945 -12.641 -4.518  1.00 0.00 ? 12 S4G A O2P    1 
HETATM 349 O "O5'"  . S4G A 1 12 ? -11.792 -10.158 -4.399  1.00 0.00 ? 12 S4G A "O5'"  1 
HETATM 350 N N9     . S4G A 1 12 ? -12.919 -5.482  -6.147  1.00 0.00 ? 12 S4G A N9     1 
HETATM 351 C C4     . S4G A 1 12 ? -13.091 -4.244  -6.715  1.00 0.00 ? 12 S4G A C4     1 
HETATM 352 N N3     . S4G A 1 12 ? -14.155 -3.432  -6.540  1.00 0.00 ? 12 S4G A N3     1 
HETATM 353 C C2     . S4G A 1 12 ? -14.029 -2.303  -7.216  1.00 0.00 ? 12 S4G A C2     1 
HETATM 354 N N2     . S4G A 1 12 ? -14.994 -1.373  -7.148  1.00 0.00 ? 12 S4G A N2     1 
HETATM 355 N N1     . S4G A 1 12 ? -12.950 -1.998  -8.007  1.00 0.00 ? 12 S4G A N1     1 
HETATM 356 C C6     . S4G A 1 12 ? -11.846 -2.821  -8.205  1.00 0.00 ? 12 S4G A C6     1 
HETATM 357 O O6     . S4G A 1 12 ? -10.925 -2.449  -8.944  1.00 0.00 ? 12 S4G A O6     1 
HETATM 358 C C5     . S4G A 1 12 ? -11.963 -4.033  -7.479  1.00 0.00 ? 12 S4G A C5     1 
HETATM 359 N N7     . S4G A 1 12 ? -11.097 -5.115  -7.388  1.00 0.00 ? 12 S4G A N7     1 
HETATM 360 C C8     . S4G A 1 12 ? -11.706 -5.943  -6.583  1.00 0.00 ? 12 S4G A C8     1 
HETATM 361 C "C2'"  . S4G A 1 12 ? -14.441 -7.450  -5.865  1.00 0.00 ? 12 S4G A "C2'"  1 
HETATM 362 C "C5'"  . S4G A 1 12 ? -12.436 -9.511  -3.300  1.00 0.00 ? 12 S4G A "C5'"  1 
HETATM 363 C "C4'"  . S4G A 1 12 ? -13.448 -8.512  -3.812  1.00 0.00 ? 12 S4G A "C4'"  1 
HETATM 364 S "S4'"  . S4G A 1 12 ? -12.911 -6.753  -3.789  1.00 0.00 ? 12 S4G A "S4'"  1 
HETATM 365 C "C1'"  . S4G A 1 12 ? -13.840 -6.178  -5.258  1.00 0.00 ? 12 S4G A "C1'"  1 
HETATM 366 C "C3'"  . S4G A 1 12 ? -13.767 -8.685  -5.295  1.00 0.00 ? 12 S4G A "C3'"  1 
HETATM 367 O "O3'"  . S4G A 1 12 ? -14.629 -9.767  -5.659  1.00 0.00 ? 12 S4G A "O3'"  1 
HETATM 368 H "H15'" . S4G A 1 12 ? -12.937 -10.255 -2.687  1.00 0.00 ? 12 S4G A "H15'" 1 
HETATM 369 H "H25'" . S4G A 1 12 ? -11.691 -8.990  -2.700  1.00 0.00 ? 12 S4G A "H25'" 1 
HETATM 370 H "H4'"  . S4G A 1 12 ? -14.368 -8.608  -3.236  1.00 0.00 ? 12 S4G A "H4'"  1 
HETATM 371 H "H1'"  . S4G A 1 12 ? -14.636 -5.505  -4.950  1.00 0.00 ? 12 S4G A "H1'"  1 
HETATM 372 H H1N2   . S4G A 1 12 ? -15.814 -1.538  -6.582  1.00 0.00 ? 12 S4G A H1N2   1 
HETATM 373 H H2N2   . S4G A 1 12 ? -14.898 -0.507  -7.657  1.00 0.00 ? 12 S4G A H2N2   1 
HETATM 374 H HN1    . S4G A 1 12 ? -12.955 -1.109  -8.482  1.00 0.00 ? 12 S4G A HN1    1 
HETATM 375 H H8     . S4G A 1 12 ? -11.290 -6.892  -6.275  1.00 0.00 ? 12 S4G A H8     1 
HETATM 376 H "H12'" . S4G A 1 12 ? -15.505 -7.474  -5.649  1.00 0.00 ? 12 S4G A "H12'" 1 
HETATM 377 H "H22'" . S4G A 1 12 ? -14.326 -7.438  -6.952  1.00 0.00 ? 12 S4G A "H22'" 1 
HETATM 378 H "H3'"  . S4G A 1 12 ? -12.823 -8.821  -5.823  1.00 0.00 ? 12 S4G A "H3'"  1 
HETATM 379 H "HO3'" . S4G A 1 12 ? -15.003 -10.119 -4.848  1.00 0.00 ? 12 S4G A "HO3'" 1 
HETATM 380 O "O5'"  . C4S B 1 1  ? -13.892 8.465   -10.153 1.00 0.00 ? 13 C4S B "O5'"  1 
HETATM 381 N N1     . C4S B 1 1  ? -12.523 2.487   -9.949  1.00 0.00 ? 13 C4S B N1     1 
HETATM 382 C C6     . C4S B 1 1  ? -11.433 2.803   -10.710 1.00 0.00 ? 13 C4S B C6     1 
HETATM 383 C C2     . C4S B 1 1  ? -12.633 1.225   -9.366  1.00 0.00 ? 13 C4S B C2     1 
HETATM 384 O O2     . C4S B 1 1  ? -13.637 0.965   -8.687  1.00 0.00 ? 13 C4S B O2     1 
HETATM 385 N N3     . C4S B 1 1  ? -11.648 0.319   -9.555  1.00 0.00 ? 13 C4S B N3     1 
HETATM 386 C C4     . C4S B 1 1  ? -10.584 0.638   -10.296 1.00 0.00 ? 13 C4S B C4     1 
HETATM 387 N N4     . C4S B 1 1  ? -9.633  -0.286  -10.450 1.00 0.00 ? 13 C4S B N4     1 
HETATM 388 C C5     . C4S B 1 1  ? -10.448 1.918   -10.909 1.00 0.00 ? 13 C4S B C5     1 
HETATM 389 C "C2'"  . C4S B 1 1  ? -13.323 4.446   -8.575  1.00 0.00 ? 13 C4S B "C2'"  1 
HETATM 390 C "C5'"  . C4S B 1 1  ? -13.674 7.379   -11.059 1.00 0.00 ? 13 C4S B "C5'"  1 
HETATM 391 C "C4'"  . C4S B 1 1  ? -14.031 6.111   -10.319 1.00 0.00 ? 13 C4S B "C4'"  1 
HETATM 392 S "S4'"  . C4S B 1 1  ? -13.758 4.527   -11.211 1.00 0.00 ? 13 C4S B "S4'"  1 
HETATM 393 C "C1'"  . C4S B 1 1  ? -13.596 3.467   -9.725  1.00 0.00 ? 13 C4S B "C1'"  1 
HETATM 394 C "C3'"  . C4S B 1 1  ? -13.157 5.865   -9.094  1.00 0.00 ? 13 C4S B "C3'"  1 
HETATM 395 O "O3'"  . C4S B 1 1  ? -13.378 6.696   -7.948  1.00 0.00 ? 13 C4S B "O3'"  1 
HETATM 396 H "H15'" . C4S B 1 1  ? -12.628 7.348   -11.360 1.00 0.00 ? 13 C4S B "H15'" 1 
HETATM 397 H "H25'" . C4S B 1 1  ? -14.310 7.495   -11.938 1.00 0.00 ? 13 C4S B "H25'" 1 
HETATM 398 H "H4'"  . C4S B 1 1  ? -15.074 6.165   -10.007 1.00 0.00 ? 13 C4S B "H4'"  1 
HETATM 399 H "H1'"  . C4S B 1 1  ? -14.536 2.946   -9.544  1.00 0.00 ? 13 C4S B "H1'"  1 
HETATM 400 H H6     . C4S B 1 1  ? -11.365 3.791   -11.165 1.00 0.00 ? 13 C4S B H6     1 
HETATM 401 H H1N4   . C4S B 1 1  ? -8.812  -0.081  -11.003 1.00 0.00 ? 13 C4S B H1N4   1 
HETATM 402 H H2N4   . C4S B 1 1  ? -9.735  -1.190  -10.010 1.00 0.00 ? 13 C4S B H2N4   1 
HETATM 403 H H5     . C4S B 1 1  ? -9.577  2.166   -11.516 1.00 0.00 ? 13 C4S B H5     1 
HETATM 404 H "H12'" . C4S B 1 1  ? -14.153 4.401   -7.877  1.00 0.00 ? 13 C4S B "H12'" 1 
HETATM 405 H "H22'" . C4S B 1 1  ? -12.422 4.148   -8.035  1.00 0.00 ? 13 C4S B "H22'" 1 
HETATM 406 H "H3'"  . C4S B 1 1  ? -12.118 5.989   -9.398  1.00 0.00 ? 13 C4S B "H3'"  1 
HETATM 407 H "HO5'" . C4S B 1 1  ? -14.695 8.911   -10.430 1.00 0.00 ? 13 C4S B "HO5'" 1 
HETATM 408 P P      . S4G B 1 2  ? -12.454 6.520   -6.644  1.00 0.00 ? 14 S4G B P      1 
HETATM 409 O O1P    . S4G B 1 2  ? -12.832 7.588   -5.684  1.00 0.00 ? 14 S4G B O1P    1 
HETATM 410 O O2P    . S4G B 1 2  ? -11.041 6.398   -7.088  1.00 0.00 ? 14 S4G B O2P    1 
HETATM 411 O "O5'"  . S4G B 1 2  ? -12.908 5.121   -6.032  1.00 0.00 ? 14 S4G B "O5'"  1 
HETATM 412 N N9     . S4G B 1 2  ? -12.177 0.554   -5.687  1.00 0.00 ? 14 S4G B N9     1 
HETATM 413 C C4     . S4G B 1 2  ? -11.547 -0.664  -5.633  1.00 0.00 ? 14 S4G B C4     1 
HETATM 414 N N3     . S4G B 1 2  ? -11.879 -1.692  -4.827  1.00 0.00 ? 14 S4G B N3     1 
HETATM 415 C C2     . S4G B 1 2  ? -11.077 -2.729  -4.995  1.00 0.00 ? 14 S4G B C2     1 
HETATM 416 N N2     . S4G B 1 2  ? -11.267 -3.841  -4.272  1.00 0.00 ? 14 S4G B N2     1 
HETATM 417 N N1     . S4G B 1 2  ? -10.029 -2.755  -5.883  1.00 0.00 ? 14 S4G B N1     1 
HETATM 418 C C6     . S4G B 1 2  ? -9.672  -1.706  -6.727  1.00 0.00 ? 14 S4G B C6     1 
HETATM 419 O O6     . S4G B 1 2  ? -8.712  -1.829  -7.494  1.00 0.00 ? 14 S4G B O6     1 
HETATM 420 C C5     . S4G B 1 2  ? -10.526 -0.586  -6.556  1.00 0.00 ? 14 S4G B C5     1 
HETATM 421 N N7     . S4G B 1 2  ? -10.525 0.652   -7.185  1.00 0.00 ? 14 S4G B N7     1 
HETATM 422 C C8     . S4G B 1 2  ? -11.521 1.289   -6.633  1.00 0.00 ? 14 S4G B C8     1 
HETATM 423 C "C2'"  . S4G B 1 2  ? -12.854 1.737   -3.629  1.00 0.00 ? 14 S4G B "C2'"  1 
HETATM 424 C "C5'"  . S4G B 1 2  ? -14.078 5.019   -5.219  1.00 0.00 ? 14 S4G B "C5'"  1 
HETATM 425 C "C4'"  . S4G B 1 2  ? -14.170 3.632   -4.627  1.00 0.00 ? 14 S4G B "C4'"  1 
HETATM 426 S "S4'"  . S4G B 1 2  ? -14.275 2.235   -5.824  1.00 0.00 ? 14 S4G B "S4'"  1 
HETATM 427 C "C1'"  . S4G B 1 2  ? -13.303 0.999   -4.881  1.00 0.00 ? 14 S4G B "C1'"  1 
HETATM 428 C "C3'"  . S4G B 1 2  ? -12.922 3.236   -3.842  1.00 0.00 ? 14 S4G B "C3'"  1 
HETATM 429 O "O3'"  . S4G B 1 2  ? -12.757 3.783   -2.528  1.00 0.00 ? 14 S4G B "O3'"  1 
HETATM 430 H "H15'" . S4G B 1 2  ? -14.026 5.756   -4.418  1.00 0.00 ? 14 S4G B "H15'" 1 
HETATM 431 H "H25'" . S4G B 1 2  ? -14.961 5.211   -5.829  1.00 0.00 ? 14 S4G B "H25'" 1 
HETATM 432 H "H4'"  . S4G B 1 2  ? -15.032 3.591   -3.961  1.00 0.00 ? 14 S4G B "H4'"  1 
HETATM 433 H "H1'"  . S4G B 1 2  ? -13.933 0.150   -4.613  1.00 0.00 ? 14 S4G B "H1'"  1 
HETATM 434 H H1N2   . S4G B 1 2  ? -12.020 -3.885  -3.601  1.00 0.00 ? 14 S4G B H1N2   1 
HETATM 435 H H2N2   . S4G B 1 2  ? -10.652 -4.631  -4.397  1.00 0.00 ? 14 S4G B H2N2   1 
HETATM 436 H HN1    . S4G B 1 2  ? -9.480  -3.604  -5.915  1.00 0.00 ? 14 S4G B HN1    1 
HETATM 437 H H8     . S4G B 1 2  ? -11.793 2.302   -6.877  1.00 0.00 ? 14 S4G B H8     1 
HETATM 438 H "H12'" . S4G B 1 2  ? -13.485 1.448   -2.801  1.00 0.00 ? 14 S4G B "H12'" 1 
HETATM 439 H "H22'" . S4G B 1 2  ? -11.829 1.453   -3.380  1.00 0.00 ? 14 S4G B "H22'" 1 
HETATM 440 H "H3'"  . S4G B 1 2  ? -12.052 3.526   -4.433  1.00 0.00 ? 14 S4G B "H3'"  1 
HETATM 441 P P      . C4S B 1 3  ? -11.401 3.500   -1.710  1.00 0.00 ? 15 C4S B P      1 
HETATM 442 O O1P    . C4S B 1 3  ? -10.266 3.868   -2.593  1.00 0.00 ? 15 C4S B O1P    1 
HETATM 443 O O2P    . C4S B 1 3  ? -11.525 4.132   -0.373  1.00 0.00 ? 15 C4S B O2P    1 
HETATM 444 O "O5'"  . C4S B 1 3  ? -11.382 1.917   -1.514  1.00 0.00 ? 15 C4S B "O5'"  1 
HETATM 445 N N1     . C4S B 1 3  ? -9.475  -1.937  -2.829  1.00 0.00 ? 15 C4S B N1     1 
HETATM 446 C C6     . C4S B 1 3  ? -9.179  -0.662  -3.202  1.00 0.00 ? 15 C4S B C6     1 
HETATM 447 C C2     . C4S B 1 3  ? -8.754  -3.002  -3.335  1.00 0.00 ? 15 C4S B C2     1 
HETATM 448 O O2     . C4S B 1 3  ? -9.065  -4.147  -2.988  1.00 0.00 ? 15 C4S B O2     1 
HETATM 449 N N3     . C4S B 1 3  ? -7.737  -2.763  -4.191  1.00 0.00 ? 15 C4S B N3     1 
HETATM 450 C C4     . C4S B 1 3  ? -7.447  -1.511  -4.543  1.00 0.00 ? 15 C4S B C4     1 
HETATM 451 N N4     . C4S B 1 3  ? -6.430  -1.310  -5.372  1.00 0.00 ? 15 C4S B N4     1 
HETATM 452 C C5     . C4S B 1 3  ? -8.185  -0.407  -4.055  1.00 0.00 ? 15 C4S B C5     1 
HETATM 453 C "C2'"  . C4S B 1 3  ? -10.111 -2.061  -0.430  1.00 0.00 ? 15 C4S B "C2'"  1 
HETATM 454 C "C5'"  . C4S B 1 3  ? -11.950 1.316   -0.351  1.00 0.00 ? 15 C4S B "C5'"  1 
HETATM 455 C "C4'"  . C4S B 1 3  ? -11.778 -0.184  -0.410  1.00 0.00 ? 15 C4S B "C4'"  1 
HETATM 456 S "S4'"  . C4S B 1 3  ? -11.874 -0.956  -2.083  1.00 0.00 ? 15 C4S B "S4'"  1 
HETATM 457 C "C1'"  . C4S B 1 3  ? -10.550 -2.208  -1.877  1.00 0.00 ? 15 C4S B "C1'"  1 
HETATM 458 C "C3'"  . C4S B 1 3  ? -10.390 -0.642  0.029   1.00 0.00 ? 15 C4S B "C3'"  1 
HETATM 459 O "O3'"  . C4S B 1 3  ? -10.110 -0.656  1.433   1.00 0.00 ? 15 C4S B "O3'"  1 
HETATM 460 H "H15'" . C4S B 1 3  ? -13.012 1.557   -0.301  1.00 0.00 ? 15 C4S B "H15'" 1 
HETATM 461 H "H25'" . C4S B 1 3  ? -11.451 1.705   0.536   1.00 0.00 ? 15 C4S B "H25'" 1 
HETATM 462 H "H4'"  . C4S B 1 3  ? -12.524 -0.649  0.236   1.00 0.00 ? 15 C4S B "H4'"  1 
HETATM 463 H "H1'"  . C4S B 1 3  ? -10.951 -3.208  -2.045  1.00 0.00 ? 15 C4S B "H1'"  1 
HETATM 464 H H6     . C4S B 1 3  ? -9.753  0.160   -2.789  1.00 0.00 ? 15 C4S B H6     1 
HETATM 465 H H1N4   . C4S B 1 3  ? -6.177  -0.378  -5.663  1.00 0.00 ? 15 C4S B H1N4   1 
HETATM 466 H H2N4   . C4S B 1 3  ? -5.890  -2.105  -5.665  1.00 0.00 ? 15 C4S B H2N4   1 
HETATM 467 H H5     . C4S B 1 3  ? -7.951  0.601   -4.366  1.00 0.00 ? 15 C4S B H5     1 
HETATM 468 H "H12'" . C4S B 1 3  ? -10.634 -2.774  0.196   1.00 0.00 ? 15 C4S B "H12'" 1 
HETATM 469 H "H22'" . C4S B 1 3  ? -9.042  -2.265  -0.341  1.00 0.00 ? 15 C4S B "H22'" 1 
HETATM 470 H "H3'"  . C4S B 1 3  ? -9.659  0.010   -0.449  1.00 0.00 ? 15 C4S B "H3'"  1 
HETATM 471 P P      . S4G B 1 4  ? -8.604  -0.893  1.942   1.00 0.00 ? 16 S4G B P      1 
HETATM 472 O O1P    . S4G B 1 4  ? -8.623  -0.839  3.425   1.00 0.00 ? 16 S4G B O1P    1 
HETATM 473 O O2P    . S4G B 1 4  ? -7.707  0.018   1.186   1.00 0.00 ? 16 S4G B O2P    1 
HETATM 474 O "O5'"  . S4G B 1 4  ? -8.280  -2.390  1.505   1.00 0.00 ? 16 S4G B "O5'"  1 
HETATM 475 N N9     . S4G B 1 4  ? -5.524  -4.854  -0.987  1.00 0.00 ? 16 S4G B N9     1 
HETATM 476 C C4     . S4G B 1 4  ? -4.430  -5.156  -1.766  1.00 0.00 ? 16 S4G B C4     1 
HETATM 477 N N3     . S4G B 1 4  ? -3.742  -6.318  -1.756  1.00 0.00 ? 16 S4G B N3     1 
HETATM 478 C C2     . S4G B 1 4  ? -2.749  -6.314  -2.635  1.00 0.00 ? 16 S4G B C2     1 
HETATM 479 N N2     . S4G B 1 4  ? -1.968  -7.394  -2.757  1.00 0.00 ? 16 S4G B N2     1 
HETATM 480 N N1     . S4G B 1 4  ? -2.452  -5.250  -3.457  1.00 0.00 ? 16 S4G B N1     1 
HETATM 481 C C6     . S4G B 1 4  ? -3.144  -4.039  -3.469  1.00 0.00 ? 16 S4G B C6     1 
HETATM 482 O O6     . S4G B 1 4  ? -2.796  -3.136  -4.230  1.00 0.00 ? 16 S4G B O6     1 
HETATM 483 C C5     . S4G B 1 4  ? -4.213  -4.037  -2.541  1.00 0.00 ? 16 S4G B C5     1 
HETATM 484 N N7     . S4G B 1 4  ? -5.144  -3.049  -2.253  1.00 0.00 ? 16 S4G B N7     1 
HETATM 485 C C8     . S4G B 1 4  ? -5.900  -3.578  -1.332  1.00 0.00 ? 16 S4G B C8     1 
HETATM 486 C "C2'"  . S4G B 1 4  ? -5.607  -5.605  1.416   1.00 0.00 ? 16 S4G B "C2'"  1 
HETATM 487 C "C5'"  . S4G B 1 4  ? -8.690  -3.494  2.312   1.00 0.00 ? 16 S4G B "C5'"  1 
HETATM 488 C "C4'"  . S4G B 1 4  ? -7.887  -4.721  1.948   1.00 0.00 ? 16 S4G B "C4'"  1 
HETATM 489 S "S4'"  . S4G B 1 4  ? -7.920  -5.233  0.175   1.00 0.00 ? 16 S4G B "S4'"  1 
HETATM 490 C "C1'"  . S4G B 1 4  ? -6.161  -5.722  -0.001  1.00 0.00 ? 16 S4G B "C1'"  1 
HETATM 491 C "C3'"  . S4G B 1 4  ? -6.388  -4.536  2.154   1.00 0.00 ? 16 S4G B "C3'"  1 
HETATM 492 O "O3'"  . S4G B 1 4  ? -5.893  -4.583  3.497   1.00 0.00 ? 16 S4G B "O3'"  1 
HETATM 493 H "H15'" . S4G B 1 4  ? -8.531  -3.253  3.363   1.00 0.00 ? 16 S4G B "H15'" 1 
HETATM 494 H "H25'" . S4G B 1 4  ? -9.748  -3.691  2.145   1.00 0.00 ? 16 S4G B "H25'" 1 
HETATM 495 H "H4'"  . S4G B 1 4  ? -8.226  -5.557  2.561   1.00 0.00 ? 16 S4G B "H4'"  1 
HETATM 496 H "H1'"  . S4G B 1 4  ? -6.102  -6.762  -0.330  1.00 0.00 ? 16 S4G B "H1'"  1 
HETATM 497 H H1N2   . S4G B 1 4  ? -2.135  -8.206  -2.182  1.00 0.00 ? 16 S4G B H1N2   1 
HETATM 498 H H2N2   . S4G B 1 4  ? -1.214  -7.396  -3.427  1.00 0.00 ? 16 S4G B H2N2   1 
HETATM 499 H HN1    . S4G B 1 4  ? -1.673  -5.361  -4.110  1.00 0.00 ? 16 S4G B HN1    1 
HETATM 500 H H8     . S4G B 1 4  ? -6.748  -3.069  -0.899  1.00 0.00 ? 16 S4G B H8     1 
HETATM 501 H "H12'" . S4G B 1 4  ? -5.691  -6.555  1.937   1.00 0.00 ? 16 S4G B "H12'" 1 
HETATM 502 H "H22'" . S4G B 1 4  ? -4.550  -5.336  1.386   1.00 0.00 ? 16 S4G B "H22'" 1 
HETATM 503 H "H3'"  . S4G B 1 4  ? -6.110  -3.571  1.730   1.00 0.00 ? 16 S4G B "H3'"  1 
HETATM 504 P P      . S4A B 1 5  ? -4.507  -3.854  3.862   1.00 0.00 ? 17 S4A B P      1 
HETATM 505 O O1P    . S4A B 1 5  ? -4.391  -3.839  5.342   1.00 0.00 ? 17 S4A B O1P    1 
HETATM 506 O O2P    . S4A B 1 5  ? -4.436  -2.578  3.107   1.00 0.00 ? 17 S4A B O2P    1 
HETATM 507 O "O5'"  . S4A B 1 5  ? -3.392  -4.837  3.290   1.00 0.00 ? 17 S4A B "O5'"  1 
HETATM 508 N N9     . S4A B 1 5  ? -1.308  -5.778  -0.318  1.00 0.00 ? 17 S4A B N9     1 
HETATM 509 C C4     . S4A B 1 5  ? -0.314  -5.536  -1.231  1.00 0.00 ? 17 S4A B C4     1 
HETATM 510 N N3     . S4A B 1 5  ? 0.625   -6.398  -1.657  1.00 0.00 ? 17 S4A B N3     1 
HETATM 511 C C2     . S4A B 1 5  ? 1.416   -5.820  -2.553  1.00 0.00 ? 17 S4A B C2     1 
HETATM 512 N N1     . S4A B 1 5  ? 1.367   -4.574  -3.046  1.00 0.00 ? 17 S4A B N1     1 
HETATM 513 C C6     . S4A B 1 5  ? 0.405   -3.737  -2.592  1.00 0.00 ? 17 S4A B C6     1 
HETATM 514 N N6     . S4A B 1 5  ? 0.344   -2.502  -3.081  1.00 0.00 ? 17 S4A B N6     1 
HETATM 515 C C5     . S4A B 1 5  ? -0.484  -4.226  -1.631  1.00 0.00 ? 17 S4A B C5     1 
HETATM 516 N N7     . S4A B 1 5  ? -1.551  -3.642  -0.965  1.00 0.00 ? 17 S4A B N7     1 
HETATM 517 C C8     . S4A B 1 5  ? -1.996  -4.599  -0.190  1.00 0.00 ? 17 S4A B C8     1 
HETATM 518 C "C2'"  . S4A B 1 5  ? -0.561  -7.441  1.410   1.00 0.00 ? 17 S4A B "C2'"  1 
HETATM 519 C "C5'"  . S4A B 1 5  ? -3.092  -6.068  3.947   1.00 0.00 ? 17 S4A B "C5'"  1 
HETATM 520 C "C4'"  . S4A B 1 5  ? -2.492  -7.042  2.960   1.00 0.00 ? 17 S4A B "C4'"  1 
HETATM 521 S "S4'"  . S4A B 1 5  ? -3.152  -6.965  1.237   1.00 0.00 ? 17 S4A B "S4'"  1 
HETATM 522 C "C1'"  . S4A B 1 5  ? -1.563  -7.059  0.332   1.00 0.00 ? 17 S4A B "C1'"  1 
HETATM 523 C "C3'"  . S4A B 1 5  ? -1.005  -6.802  2.712   1.00 0.00 ? 17 S4A B "C3'"  1 
HETATM 524 O "O3'"  . S4A B 1 5  ? -0.082  -7.293  3.693   1.00 0.00 ? 17 S4A B "O3'"  1 
HETATM 525 H "H15'" . S4A B 1 5  ? -4.008  -6.490  4.361   1.00 0.00 ? 17 S4A B "H15'" 1 
HETATM 526 H "H25'" . S4A B 1 5  ? -2.385  -5.885  4.755   1.00 0.00 ? 17 S4A B "H25'" 1 
HETATM 527 H "H4'"  . S4A B 1 5  ? -2.626  -8.055  3.342   1.00 0.00 ? 17 S4A B "H4'"  1 
HETATM 528 H "H1'"  . S4A B 1 5  ? -1.615  -7.845  -0.425  1.00 0.00 ? 17 S4A B "H1'"  1 
HETATM 529 H H2     . S4A B 1 5  ? 2.233   -6.444  -2.928  1.00 0.00 ? 17 S4A B H2     1 
HETATM 530 H H1N6   . S4A B 1 5  ? 1.007   -2.219  -3.787  1.00 0.00 ? 17 S4A B H1N6   1 
HETATM 531 H H2N6   . S4A B 1 5  ? -0.362  -1.850  -2.775  1.00 0.00 ? 17 S4A B H2N6   1 
HETATM 532 H H8     . S4A B 1 5  ? -2.818  -4.468  0.496   1.00 0.00 ? 17 S4A B H8     1 
HETATM 533 H "H12'" . S4A B 1 5  ? -0.503  -8.519  1.523   1.00 0.00 ? 17 S4A B "H12'" 1 
HETATM 534 H "H22'" . S4A B 1 5  ? 0.435   -7.080  1.143   1.00 0.00 ? 17 S4A B "H22'" 1 
HETATM 535 H "H3'"  . S4A B 1 5  ? -0.856  -5.726  2.619   1.00 0.00 ? 17 S4A B "H3'"  1 
HETATM 536 P P      . S4A B 1 6  ? 1.317   -6.535  3.929   1.00 0.00 ? 18 S4A B P      1 
HETATM 537 O O1P    . S4A B 1 6  ? 1.393   -5.407  2.967   1.00 0.00 ? 18 S4A B O1P    1 
HETATM 538 O O2P    . S4A B 1 6  ? 1.458   -6.268  5.383   1.00 0.00 ? 18 S4A B O2P    1 
HETATM 539 O "O5'"  . S4A B 1 6  ? 2.416   -7.612  3.514   1.00 0.00 ? 18 S4A B "O5'"  1 
HETATM 540 N N9     . S4A B 1 6  ? 3.921   -5.927  -0.569  1.00 0.00 ? 18 S4A B N9     1 
HETATM 541 C C4     . S4A B 1 6  ? 4.291   -5.064  -1.568  1.00 0.00 ? 18 S4A B C4     1 
HETATM 542 N N3     . S4A B 1 6  ? 5.329   -5.190  -2.413  1.00 0.00 ? 18 S4A B N3     1 
HETATM 543 C C2     . S4A B 1 6  ? 5.383   -4.154  -3.244  1.00 0.00 ? 18 S4A B C2     1 
HETATM 544 N N1     . S4A B 1 6  ? 4.581   -3.088  -3.314  1.00 0.00 ? 18 S4A B N1     1 
HETATM 545 C C6     . S4A B 1 6  ? 3.551   -2.999  -2.444  1.00 0.00 ? 18 S4A B C6     1 
HETATM 546 N N6     . S4A B 1 6  ? 2.756   -1.943  -2.506  1.00 0.00 ? 18 S4A B N6     1 
HETATM 547 C C5     . S4A B 1 6  ? 3.381   -4.030  -1.524  1.00 0.00 ? 18 S4A B C5     1 
HETATM 548 N N7     . S4A B 1 6  ? 2.445   -4.240  -0.521  1.00 0.00 ? 18 S4A B N7     1 
HETATM 549 C C8     . S4A B 1 6  ? 2.810   -5.377  0.012   1.00 0.00 ? 18 S4A B C8     1 
HETATM 550 C "C2'"  . S4A B 1 6  ? 5.911   -6.937  0.533   1.00 0.00 ? 18 S4A B "C2'"  1 
HETATM 551 C "C5'"  . S4A B 1 6  ? 3.809   -7.363  3.719   1.00 0.00 ? 18 S4A B "C5'"  1 
HETATM 552 C "C4'"  . S4A B 1 6  ? 4.590   -7.797  2.499   1.00 0.00 ? 18 S4A B "C4'"  1 
HETATM 553 S "S4'"  . S4A B 1 6  ? 3.586   -8.099  0.979   1.00 0.00 ? 18 S4A B "S4'"  1 
HETATM 554 C "C1'"  . S4A B 1 6  ? 4.607   -7.162  -0.214  1.00 0.00 ? 18 S4A B "C1'"  1 
HETATM 555 C "C3'"  . S4A B 1 6  ? 5.588   -6.747  2.003   1.00 0.00 ? 18 S4A B "C3'"  1 
HETATM 556 O "O3'"  . S4A B 1 6  ? 6.870   -6.706  2.643   1.00 0.00 ? 18 S4A B "O3'"  1 
HETATM 557 H "H15'" . S4A B 1 6  ? 4.151   -7.924  4.590   1.00 0.00 ? 18 S4A B "H15'" 1 
HETATM 558 H "H25'" . S4A B 1 6  ? 3.962   -6.298  3.898   1.00 0.00 ? 18 S4A B "H25'" 1 
HETATM 559 H "H4'"  . S4A B 1 6  ? 5.136   -8.709  2.742   1.00 0.00 ? 18 S4A B "H4'"  1 
HETATM 560 H "H1'"  . S4A B 1 6  ? 4.782   -7.761  -1.109  1.00 0.00 ? 18 S4A B "H1'"  1 
HETATM 561 H H2     . S4A B 1 6  ? 6.195   -4.176  -3.970  1.00 0.00 ? 18 S4A B H2     1 
HETATM 562 H H1N6   . S4A B 1 6  ? 2.992   -1.222  -3.163  1.00 0.00 ? 18 S4A B H1N6   1 
HETATM 563 H H2N6   . S4A B 1 6  ? 1.968   -1.819  -1.891  1.00 0.00 ? 18 S4A B H2N6   1 
HETATM 564 H H8     . S4A B 1 6  ? 2.288   -5.837  0.837   1.00 0.00 ? 18 S4A B H8     1 
HETATM 565 H "H12'" . S4A B 1 6  ? 6.589   -7.766  0.407   1.00 0.00 ? 18 S4A B "H12'" 1 
HETATM 566 H "H22'" . S4A B 1 6  ? 6.411   -6.043  0.151   1.00 0.00 ? 18 S4A B "H22'" 1 
HETATM 567 H "H3'"  . S4A B 1 6  ? 5.128   -5.766  2.116   1.00 0.00 ? 18 S4A B "H3'"  1 
HETATM 568 P P      . T49 B 1 7  ? 7.720   -5.342  2.649   1.00 0.00 ? 19 T49 B P      1 
HETATM 569 O O1P    . T49 B 1 7  ? 6.765   -4.220  2.837   1.00 0.00 ? 19 T49 B O1P    1 
HETATM 570 O O2P    . T49 B 1 7  ? 8.849   -5.509  3.601   1.00 0.00 ? 19 T49 B O2P    1 
HETATM 571 O "O5'"  . T49 B 1 7  ? 8.324   -5.247  1.178   1.00 0.00 ? 19 T49 B "O5'"  1 
HETATM 572 C "C5'"  . T49 B 1 7  ? 9.733   -5.341  0.957   1.00 0.00 ? 19 T49 B "C5'"  1 
HETATM 573 C "C4'"  . T49 B 1 7  ? 10.070  -4.862  -0.437  1.00 0.00 ? 19 T49 B "C4'"  1 
HETATM 574 C "C3'"  . T49 B 1 7  ? 10.336  -3.358  -0.510  1.00 0.00 ? 19 T49 B "C3'"  1 
HETATM 575 O "O3'"  . T49 B 1 7  ? 11.632  -2.895  -0.111  1.00 0.00 ? 19 T49 B "O3'"  1 
HETATM 576 C "C2'"  . T49 B 1 7  ? 10.173  -2.840  -1.925  1.00 0.00 ? 19 T49 B "C2'"  1 
HETATM 577 C "C1'"  . T49 B 1 7  ? 8.884   -3.404  -2.499  1.00 0.00 ? 19 T49 B "C1'"  1 
HETATM 578 N N1     . T49 B 1 7  ? 7.697   -2.606  -2.179  1.00 0.00 ? 19 T49 B N1     1 
HETATM 579 C C2     . T49 B 1 7  ? 7.451   -1.477  -2.926  1.00 0.00 ? 19 T49 B C2     1 
HETATM 580 O O2     . T49 B 1 7  ? 8.144   -1.136  -3.870  1.00 0.00 ? 19 T49 B O2     1 
HETATM 581 N N3     . T49 B 1 7  ? 6.358   -0.759  -2.524  1.00 0.00 ? 19 T49 B N3     1 
HETATM 582 C C4     . T49 B 1 7  ? 5.518   -1.056  -1.475  1.00 0.00 ? 19 T49 B C4     1 
HETATM 583 O O4     . T49 B 1 7  ? 4.657   -0.267  -1.146  1.00 0.00 ? 19 T49 B O4     1 
HETATM 584 C C5     . T49 B 1 7  ? 5.823   -2.256  -0.750  1.00 0.00 ? 19 T49 B C5     1 
HETATM 585 C C5M    . T49 B 1 7  ? 5.093   -2.509  0.525   1.00 0.00 ? 19 T49 B C5M    1 
HETATM 586 C C6     . T49 B 1 7  ? 6.875   -2.979  -1.140  1.00 0.00 ? 19 T49 B C6     1 
HETATM 587 S S      . T49 B 1 7  ? 8.738   -5.048  -1.704  1.00 0.00 ? 19 T49 B S      1 
HETATM 588 H "H5'1" . T49 B 1 7  ? 10.048  -6.379  1.070   1.00 0.00 ? 19 T49 B "H5'1" 1 
HETATM 589 H "H5'2" . T49 B 1 7  ? 10.256  -4.726  1.692   1.00 0.00 ? 19 T49 B "H5'2" 1 
HETATM 590 H "H4'"  . T49 B 1 7  ? 10.958  -5.391  -0.783  1.00 0.00 ? 19 T49 B "H4'"  1 
HETATM 591 H "H3'"  . T49 B 1 7  ? 9.597   -2.857  0.115   1.00 0.00 ? 19 T49 B "H3'"  1 
HETATM 592 H "H2'1" . T49 B 1 7  ? 10.131  -1.748  -1.911  1.00 0.00 ? 19 T49 B "H2'1" 1 
HETATM 593 H "H2'2" . T49 B 1 7  ? 11.027  -3.124  -2.525  1.00 0.00 ? 19 T49 B "H2'2" 1 
HETATM 594 H "H1'"  . T49 B 1 7  ? 8.978   -3.517  -3.576  1.00 0.00 ? 19 T49 B "H1'"  1 
HETATM 595 H H3     . T49 B 1 7  ? 6.142   0.089   -3.035  1.00 0.00 ? 19 T49 B H3     1 
HETATM 596 H H5M1   . T49 B 1 7  ? 5.795   -2.859  1.281   1.00 0.00 ? 19 T49 B H5M1   1 
HETATM 597 H H5M2   . T49 B 1 7  ? 4.630   -1.577  0.859   1.00 0.00 ? 19 T49 B H5M2   1 
HETATM 598 H H5M3   . T49 B 1 7  ? 4.327   -3.264  0.369   1.00 0.00 ? 19 T49 B H5M3   1 
HETATM 599 H H6     . T49 B 1 7  ? 7.086   -3.909  -0.617  1.00 0.00 ? 19 T49 B H6     1 
HETATM 600 P P      . T49 B 1 8  ? 11.903  -1.318  0.052   1.00 0.00 ? 20 T49 B P      1 
HETATM 601 O O1P    . T49 B 1 8  ? 13.366  -1.140  0.234   1.00 0.00 ? 20 T49 B O1P    1 
HETATM 602 O O2P    . T49 B 1 8  ? 10.968  -0.791  1.078   1.00 0.00 ? 20 T49 B O2P    1 
HETATM 603 O "O5'"  . T49 B 1 8  ? 11.493  -0.698  -1.359  1.00 0.00 ? 20 T49 B "O5'"  1 
HETATM 604 C "C5'"  . T49 B 1 8  ? 12.483  -0.287  -2.304  1.00 0.00 ? 20 T49 B "C5'"  1 
HETATM 605 C "C4'"  . T49 B 1 8  ? 11.969  0.889   -3.104  1.00 0.00 ? 20 T49 B "C4'"  1 
HETATM 606 C "C3'"  . T49 B 1 8  ? 11.685  2.111   -2.237  1.00 0.00 ? 20 T49 B "C3'"  1 
HETATM 607 O "O3'"  . T49 B 1 8  ? 12.812  2.888   -1.796  1.00 0.00 ? 20 T49 B "O3'"  1 
HETATM 608 C "C2'"  . T49 B 1 8  ? 10.745  3.073   -2.941  1.00 0.00 ? 20 T49 B "C2'"  1 
HETATM 609 C "C1'"  . T49 B 1 8  ? 9.580   2.275   -3.505  1.00 0.00 ? 20 T49 B "C1'"  1 
HETATM 610 N N1     . T49 B 1 8  ? 8.491   2.061   -2.541  1.00 0.00 ? 20 T49 B N1     1 
HETATM 611 C C2     . T49 B 1 8  ? 7.396   2.896   -2.570  1.00 0.00 ? 20 T49 B C2     1 
HETATM 612 O O2     . T49 B 1 8  ? 7.275   3.813   -3.364  1.00 0.00 ? 20 T49 B O2     1 
HETATM 613 N N3     . T49 B 1 8  ? 6.444   2.614   -1.622  1.00 0.00 ? 20 T49 B N3     1 
HETATM 614 C C4     . T49 B 1 8  ? 6.488   1.623   -0.679  1.00 0.00 ? 20 T49 B C4     1 
HETATM 615 O O4     . T49 B 1 8  ? 5.605   1.535   0.156   1.00 0.00 ? 20 T49 B O4     1 
HETATM 616 C C5     . T49 B 1 8  ? 7.649   0.794   -0.710  1.00 0.00 ? 20 T49 B C5     1 
HETATM 617 C C5M    . T49 B 1 8  ? 7.754   -0.302  0.289   1.00 0.00 ? 20 T49 B C5M    1 
HETATM 618 C C6     . T49 B 1 8  ? 8.587   1.039   -1.626  1.00 0.00 ? 20 T49 B C6     1 
HETATM 619 S S      . T49 B 1 8  ? 10.335  0.661   -3.934  1.00 0.00 ? 20 T49 B S      1 
HETATM 620 H "H5'1" . T49 B 1 8  ? 12.707  -1.113  -2.978  1.00 0.00 ? 20 T49 B "H5'1" 1 
HETATM 621 H "H5'2" . T49 B 1 8  ? 13.392  0.002   -1.775  1.00 0.00 ? 20 T49 B "H5'2" 1 
HETATM 622 H "H4'"  . T49 B 1 8  ? 12.714  1.154   -3.856  1.00 0.00 ? 20 T49 B "H4'"  1 
HETATM 623 H "H3'"  . T49 B 1 8  ? 11.168  1.758   -1.343  1.00 0.00 ? 20 T49 B "H3'"  1 
HETATM 624 H "H2'1" . T49 B 1 8  ? 10.379  3.813   -2.231  1.00 0.00 ? 20 T49 B "H2'1" 1 
HETATM 625 H "H2'2" . T49 B 1 8  ? 11.259  3.599   -3.738  1.00 0.00 ? 20 T49 B "H2'2" 1 
HETATM 626 H "H1'"  . T49 B 1 8  ? 9.196   2.757   -4.405  1.00 0.00 ? 20 T49 B "H1'"  1 
HETATM 627 H H3     . T49 B 1 8  ? 5.585   3.131   -1.578  1.00 0.00 ? 20 T49 B H3     1 
HETATM 628 H H5M1   . T49 B 1 8  ? 7.979   -1.234  -0.221  1.00 0.00 ? 20 T49 B H5M1   1 
HETATM 629 H H5M2   . T49 B 1 8  ? 6.803   -0.389  0.820   1.00 0.00 ? 20 T49 B H5M2   1 
HETATM 630 H H5M3   . T49 B 1 8  ? 8.547   -0.073  0.995   1.00 0.00 ? 20 T49 B H5M3   1 
HETATM 631 H H6     . T49 B 1 8  ? 9.469   0.403   -1.649  1.00 0.00 ? 20 T49 B H6     1 
HETATM 632 P P      . C4S B 1 9  ? 13.495  3.958   -2.785  1.00 0.00 ? 21 C4S B P      1 
HETATM 633 O O1P    . C4S B 1 9  ? 13.435  3.410   -4.164  1.00 0.00 ? 21 C4S B O1P    1 
HETATM 634 O O2P    . C4S B 1 9  ? 14.807  4.342   -2.206  1.00 0.00 ? 21 C4S B O2P    1 
HETATM 635 O "O5'"  . C4S B 1 9  ? 12.528  5.222   -2.698  1.00 0.00 ? 21 C4S B "O5'"  1 
HETATM 636 N N1     . C4S B 1 9  ? 7.563   5.594   -0.289  1.00 0.00 ? 21 C4S B N1     1 
HETATM 637 C C6     . C4S B 1 9  ? 8.289   4.501   0.074   1.00 0.00 ? 21 C4S B C6     1 
HETATM 638 C C2     . C4S B 1 9  ? 6.279   5.784   0.206   1.00 0.00 ? 21 C4S B C2     1 
HETATM 639 O O2     . C4S B 1 9  ? 5.649   6.794   -0.136  1.00 0.00 ? 21 C4S B O2     1 
HETATM 640 N N3     . C4S B 1 9  ? 5.757   4.865   1.051   1.00 0.00 ? 21 C4S B N3     1 
HETATM 641 C C4     . C4S B 1 9  ? 6.478   3.796   1.397   1.00 0.00 ? 21 C4S B C4     1 
HETATM 642 N N4     . C4S B 1 9  ? 5.935   2.910   2.227   1.00 0.00 ? 21 C4S B N4     1 
HETATM 643 C C5     . C4S B 1 9  ? 7.788   3.586   0.907   1.00 0.00 ? 21 C4S B C5     1 
HETATM 644 C "C2'"  . C4S B 1 9  ? 8.921   7.655   -0.469  1.00 0.00 ? 21 C4S B "C2'"  1 
HETATM 645 C "C5'"  . C4S B 1 9  ? 12.079  5.710   -1.433  1.00 0.00 ? 21 C4S B "C5'"  1 
HETATM 646 C "C4'"  . C4S B 1 9  ? 10.875  6.601   -1.623  1.00 0.00 ? 21 C4S B "C4'"  1 
HETATM 647 S "S4'"  . C4S B 1 9  ? 9.359   5.794   -2.297  1.00 0.00 ? 21 C4S B "S4'"  1 
HETATM 648 C "C1'"  . C4S B 1 9  ? 8.128   6.592   -1.198  1.00 0.00 ? 21 C4S B "C1'"  1 
HETATM 649 C "C3'"  . C4S B 1 9  ? 10.338  7.150   -0.304  1.00 0.00 ? 21 C4S B "C3'"  1 
HETATM 650 O "O3'"  . C4S B 1 9  ? 11.040  8.234   0.314   1.00 0.00 ? 21 C4S B "O3'"  1 
HETATM 651 H "H15'" . C4S B 1 9  ? 12.876  6.280   -0.959  1.00 0.00 ? 21 C4S B "H15'" 1 
HETATM 652 H "H25'" . C4S B 1 9  ? 11.808  4.870   -0.794  1.00 0.00 ? 21 C4S B "H25'" 1 
HETATM 653 H "H4'"  . C4S B 1 9  ? 11.149  7.435   -2.270  1.00 0.00 ? 21 C4S B "H4'"  1 
HETATM 654 H "H1'"  . C4S B 1 9  ? 7.345   7.053   -1.791  1.00 0.00 ? 21 C4S B "H1'"  1 
HETATM 655 H H6     . C4S B 1 9  ? 9.300   4.383   -0.307  1.00 0.00 ? 21 C4S B H6     1 
HETATM 656 H H1N4   . C4S B 1 9  ? 6.456   2.091   2.506   1.00 0.00 ? 21 C4S B H1N4   1 
HETATM 657 H H2N4   . C4S B 1 9  ? 5.008   3.065   2.582   1.00 0.00 ? 21 C4S B H2N4   1 
HETATM 658 H H5     . C4S B 1 9  ? 8.358   2.714   1.199   1.00 0.00 ? 21 C4S B H5     1 
HETATM 659 H "H12'" . C4S B 1 9  ? 8.913   8.593   -1.008  1.00 0.00 ? 21 C4S B "H12'" 1 
HETATM 660 H "H22'" . C4S B 1 9  ? 8.486   7.831   0.517   1.00 0.00 ? 21 C4S B "H22'" 1 
HETATM 661 H "H3'"  . C4S B 1 9  ? 10.305  6.323   0.407   1.00 0.00 ? 21 C4S B "H3'"  1 
HETATM 662 P P      . S4G B 1 10 ? 11.082  8.345   1.918   1.00 0.00 ? 22 S4G B P      1 
HETATM 663 O O1P    . S4G B 1 10 ? 12.508  8.282   2.327   1.00 0.00 ? 22 S4G B O1P    1 
HETATM 664 O O2P    . S4G B 1 10 ? 10.114  7.371   2.482   1.00 0.00 ? 22 S4G B O2P    1 
HETATM 665 O "O5'"  . S4G B 1 10 ? 10.546  9.813   2.228   1.00 0.00 ? 22 S4G B "O5'"  1 
HETATM 666 N N9     . S4G B 1 10 ? 6.155   7.217   3.680   1.00 0.00 ? 22 S4G B N9     1 
HETATM 667 C C4     . S4G B 1 10 ? 5.246   6.673   4.552   1.00 0.00 ? 22 S4G B C4     1 
HETATM 668 N N3     . S4G B 1 10 ? 4.233   7.331   5.150   1.00 0.00 ? 22 S4G B N3     1 
HETATM 669 C C2     . S4G B 1 10 ? 3.525   6.541   5.941   1.00 0.00 ? 22 S4G B C2     1 
HETATM 670 N N2     . S4G B 1 10 ? 2.480   7.044   6.608   1.00 0.00 ? 22 S4G B N2     1 
HETATM 671 N N1     . S4G B 1 10 ? 3.791   5.207   6.135   1.00 0.00 ? 22 S4G B N1     1 
HETATM 672 C C6     . S4G B 1 10 ? 4.843   4.511   5.531   1.00 0.00 ? 22 S4G B C6     1 
HETATM 673 O O6     . S4G B 1 10 ? 5.013   3.316   5.777   1.00 0.00 ? 22 S4G B O6     1 
HETATM 674 C C5     . S4G B 1 10 ? 5.604   5.349   4.673   1.00 0.00 ? 22 S4G B C5     1 
HETATM 675 N N7     . S4G B 1 10 ? 6.712   5.065   3.884   1.00 0.00 ? 22 S4G B N7     1 
HETATM 676 C C8     . S4G B 1 10 ? 7.001   6.205   3.316   1.00 0.00 ? 22 S4G B C8     1 
HETATM 677 C "C2'"  . S4G B 1 10 ? 7.000   9.469   4.246   1.00 0.00 ? 22 S4G B "C2'"  1 
HETATM 678 C "C5'"  . S4G B 1 10 ? 9.493   10.394  1.457   1.00 0.00 ? 22 S4G B "C5'"  1 
HETATM 679 C "C4'"  . S4G B 1 10 ? 8.169   10.194  2.158   1.00 0.00 ? 22 S4G B "C4'"  1 
HETATM 680 S "S4'"  . S4G B 1 10 ? 7.160   8.731   1.683   1.00 0.00 ? 22 S4G B "S4'"  1 
HETATM 681 C "C1'"  . S4G B 1 10 ? 6.221   8.607   3.256   1.00 0.00 ? 22 S4G B "C1'"  1 
HETATM 682 C "C3'"  . S4G B 1 10 ? 8.323   9.899   3.642   1.00 0.00 ? 22 S4G B "C3'"  1 
HETATM 683 O "O3'"  . S4G B 1 10 ? 8.796   10.955  4.484   1.00 0.00 ? 22 S4G B "O3'"  1 
HETATM 684 H "H15'" . S4G B 1 10 ? 9.682   11.461  1.335   1.00 0.00 ? 22 S4G B "H15'" 1 
HETATM 685 H "H25'" . S4G B 1 10 ? 9.460   9.925   0.478   1.00 0.00 ? 22 S4G B "H25'" 1 
HETATM 686 H "H4'"  . S4G B 1 10 ? 7.565   11.092  2.037   1.00 0.00 ? 22 S4G B "H4'"  1 
HETATM 687 H "H1'"  . S4G B 1 10 ? 5.215   9.006   3.124   1.00 0.00 ? 22 S4G B "H1'"  1 
HETATM 688 H H1N2   . S4G B 1 10 ? 2.238   8.019   6.505   1.00 0.00 ? 22 S4G B H1N2   1 
HETATM 689 H H2N2   . S4G B 1 10 ? 1.933   6.450   7.211   1.00 0.00 ? 22 S4G B H2N2   1 
HETATM 690 H HN1    . S4G B 1 10 ? 3.157   4.707   6.769   1.00 0.00 ? 22 S4G B HN1    1 
HETATM 691 H H8     . S4G B 1 10 ? 7.829   6.347   2.636   1.00 0.00 ? 22 S4G B H8     1 
HETATM 692 H "H12'" . S4G B 1 10 ? 6.403   10.333  4.509   1.00 0.00 ? 22 S4G B "H12'" 1 
HETATM 693 H "H22'" . S4G B 1 10 ? 7.187   8.905   5.161   1.00 0.00 ? 22 S4G B "H22'" 1 
HETATM 694 H "H3'"  . S4G B 1 10 ? 9.011   9.057   3.739   1.00 0.00 ? 22 S4G B "H3'"  1 
HETATM 695 P P      . C4S B 1 11 ? 9.238   10.634  5.996   1.00 0.00 ? 23 C4S B P      1 
HETATM 696 O O1P    . C4S B 1 11 ? 9.943   11.833  6.516   1.00 0.00 ? 23 C4S B O1P    1 
HETATM 697 O O2P    . C4S B 1 11 ? 9.922   9.316   6.012   1.00 0.00 ? 23 C4S B O2P    1 
HETATM 698 O "O5'"  . C4S B 1 11 ? 7.858   10.492  6.779   1.00 0.00 ? 23 C4S B "O5'"  1 
HETATM 699 N N1     . C4S B 1 11 ? 4.763   7.520   8.197   1.00 0.00 ? 23 C4S B N1     1 
HETATM 700 C C6     . C4S B 1 11 ? 5.897   7.200   7.513   1.00 0.00 ? 23 C4S B C6     1 
HETATM 701 C C2     . C4S B 1 11 ? 4.134   6.579   9.000   1.00 0.00 ? 23 C4S B C2     1 
HETATM 702 O O2     . C4S B 1 11 ? 3.103   6.907   9.604   1.00 0.00 ? 23 C4S B O2     1 
HETATM 703 N N3     . C4S B 1 11 ? 4.660   5.340   9.101   1.00 0.00 ? 23 C4S B N3     1 
HETATM 704 C C4     . C4S B 1 11 ? 5.772   5.037   8.430   1.00 0.00 ? 23 C4S B C4     1 
HETATM 705 N N4     . C4S B 1 11 ? 6.261   3.807   8.561   1.00 0.00 ? 23 C4S B N4     1 
HETATM 706 C C5     . C4S B 1 11 ? 6.429   5.982   7.597   1.00 0.00 ? 23 C4S B C5     1 
HETATM 707 C "C2'"  . C4S B 1 11 ? 4.580   9.741   9.286   1.00 0.00 ? 23 C4S B "C2'"  1 
HETATM 708 C "C5'"  . C4S B 1 11 ? 6.987   11.611  6.942   1.00 0.00 ? 23 C4S B "C5'"  1 
HETATM 709 C "C4'"  . C4S B 1 11 ? 5.661   11.146  7.499   1.00 0.00 ? 23 C4S B "C4'"  1 
HETATM 710 S "S4'"  . C4S B 1 11 ? 4.879   9.715   6.640   1.00 0.00 ? 23 C4S B "S4'"  1 
HETATM 711 C "C1'"  . C4S B 1 11 ? 4.190   8.861   8.106   1.00 0.00 ? 23 C4S B "C1'"  1 
HETATM 712 C "C3'"  . C4S B 1 11 ? 5.778   10.599  8.920   1.00 0.00 ? 23 C4S B "C3'"  1 
HETATM 713 O "O3'"  . C4S B 1 11 ? 5.885   11.545  9.993   1.00 0.00 ? 23 C4S B "O3'"  1 
HETATM 714 H "H15'" . C4S B 1 11 ? 6.827   12.090  5.977   1.00 0.00 ? 23 C4S B "H15'" 1 
HETATM 715 H "H25'" . C4S B 1 11 ? 7.441   12.326  7.628   1.00 0.00 ? 23 C4S B "H25'" 1 
HETATM 716 H "H4'"  . C4S B 1 11 ? 4.964   11.984  7.498   1.00 0.00 ? 23 C4S B "H4'"  1 
HETATM 717 H "H1'"  . C4S B 1 11 ? 3.104   8.793   8.027   1.00 0.00 ? 23 C4S B "H1'"  1 
HETATM 718 H H6     . C4S B 1 11 ? 6.381   7.954   6.896   1.00 0.00 ? 23 C4S B H6     1 
HETATM 719 H H1N4   . C4S B 1 11 ? 7.099   3.528   8.072   1.00 0.00 ? 23 C4S B H1N4   1 
HETATM 720 H H2N4   . C4S B 1 11 ? 5.794   3.179   9.193   1.00 0.00 ? 23 C4S B H2N4   1 
HETATM 721 H H5     . C4S B 1 11 ? 7.327   5.723   7.050   1.00 0.00 ? 23 C4S B H5     1 
HETATM 722 H "H12'" . C4S B 1 11 ? 3.740   10.369  9.560   1.00 0.00 ? 23 C4S B "H12'" 1 
HETATM 723 H "H22'" . C4S B 1 11 ? 4.828   9.119   10.150  1.00 0.00 ? 23 C4S B "H22'" 1 
HETATM 724 H "H3'"  . C4S B 1 11 ? 6.660   9.960   8.952   1.00 0.00 ? 23 C4S B "H3'"  1 
HETATM 725 P P      . S4G B 1 12 ? 7.049   11.384  11.092  1.00 0.00 ? 24 S4G B P      1 
HETATM 726 O O1P    . S4G B 1 12 ? 7.597   10.008  10.984  1.00 0.00 ? 24 S4G B O1P    1 
HETATM 727 O O2P    . S4G B 1 12 ? 7.963   12.549  10.973  1.00 0.00 ? 24 S4G B O2P    1 
HETATM 728 O "O5'"  . S4G B 1 12 ? 6.285   11.493  12.487  1.00 0.00 ? 24 S4G B "O5'"  1 
HETATM 729 N N9     . S4G B 1 12 ? 5.301   6.144   12.995  1.00 0.00 ? 24 S4G B N9     1 
HETATM 730 C C4     . S4G B 1 12 ? 5.261   4.790   13.224  1.00 0.00 ? 24 S4G B C4     1 
HETATM 731 N N3     . S4G B 1 12 ? 4.746   4.184   14.315  1.00 0.00 ? 24 S4G B N3     1 
HETATM 732 C C2     . S4G B 1 12 ? 4.853   2.867   14.245  1.00 0.00 ? 24 S4G B C2     1 
HETATM 733 N N2     . S4G B 1 12 ? 4.382   2.106   15.243  1.00 0.00 ? 24 S4G B N2     1 
HETATM 734 N N1     . S4G B 1 12 ? 5.426   2.200   13.191  1.00 0.00 ? 24 S4G B N1     1 
HETATM 735 C C6     . S4G B 1 12 ? 5.967   2.803   12.060  1.00 0.00 ? 24 S4G B C6     1 
HETATM 736 O O6     . S4G B 1 12 ? 6.467   2.106   11.169  1.00 0.00 ? 24 S4G B O6     1 
HETATM 737 C C5     . S4G B 1 12 ? 5.852   4.216   12.118  1.00 0.00 ? 24 S4G B C5     1 
HETATM 738 N N7     . S4G B 1 12 ? 6.249   5.189   11.211  1.00 0.00 ? 24 S4G B N7     1 
HETATM 739 C C8     . S4G B 1 12 ? 5.897   6.312   11.773  1.00 0.00 ? 24 S4G B C8     1 
HETATM 740 C "C2'"  . S4G B 1 12 ? 5.934   7.971   14.590  1.00 0.00 ? 24 S4G B "C2'"  1 
HETATM 741 C "C5'"  . S4G B 1 12 ? 4.912   11.117  12.606  1.00 0.00 ? 24 S4G B "C5'"  1 
HETATM 742 C "C4'"  . S4G B 1 12 ? 4.776   9.947   13.553  1.00 0.00 ? 24 S4G B "C4'"  1 
HETATM 743 S "S4'"  . S4G B 1 12 ? 3.940   8.454   12.877  1.00 0.00 ? 24 S4G B "S4'"  1 
HETATM 744 C "C1'"  . S4G B 1 12 ? 4.818   7.197   13.879  1.00 0.00 ? 24 S4G B "C1'"  1 
HETATM 745 C "C3'"  . S4G B 1 12 ? 6.115   9.344   13.964  1.00 0.00 ? 24 S4G B "C3'"  1 
HETATM 746 O "O3'"  . S4G B 1 12 ? 6.902   10.071  14.911  1.00 0.00 ? 24 S4G B "O3'"  1 
HETATM 747 H "H15'" . S4G B 1 12 ? 4.337   11.961  12.985  1.00 0.00 ? 24 S4G B "H15'" 1 
HETATM 748 H "H25'" . S4G B 1 12 ? 4.528   10.834  11.627  1.00 0.00 ? 24 S4G B "H25'" 1 
HETATM 749 H "H4'"  . S4G B 1 12 ? 4.245   10.273  14.447  1.00 0.00 ? 24 S4G B "H4'"  1 
HETATM 750 H "H1'"  . S4G B 1 12 ? 4.137   6.775   14.616  1.00 0.00 ? 24 S4G B "H1'"  1 
HETATM 751 H H1N2   . S4G B 1 12 ? 3.948   2.537   16.046  1.00 0.00 ? 24 S4G B H1N2   1 
HETATM 752 H H2N2   . S4G B 1 12 ? 4.458   1.099   15.188  1.00 0.00 ? 24 S4G B H2N2   1 
HETATM 753 H HN1    . S4G B 1 12 ? 5.458   1.191   13.237  1.00 0.00 ? 24 S4G B HN1    1 
HETATM 754 H H8     . S4G B 1 12 ? 6.046   7.280   11.319  1.00 0.00 ? 24 S4G B H8     1 
HETATM 755 H "H12'" . S4G B 1 12 ? 5.679   8.073   15.640  1.00 0.00 ? 24 S4G B "H12'" 1 
HETATM 756 H "H22'" . S4G B 1 12 ? 6.873   7.414   14.530  1.00 0.00 ? 24 S4G B "H22'" 1 
HETATM 757 H "H3'"  . S4G B 1 12 ? 6.713   9.219   13.060  1.00 0.00 ? 24 S4G B "H3'"  1 
HETATM 758 H "HO3'" . S4G B 1 12 ? 6.296   10.583  15.451  1.00 0.00 ? 24 S4G B "HO3'" 1 
# 
